data_4WOJ
#
_entry.id   4WOJ
#
_cell.length_a   46.587
_cell.length_b   60.573
_cell.length_c   67.684
_cell.angle_alpha   115.430
_cell.angle_beta   100.980
_cell.angle_gamma   91.740
#
_symmetry.space_group_name_H-M   'P 1'
#
loop_
_entity.id
_entity.type
_entity.pdbx_description
1 polymer 'Aspartate semialdehyde dehydrogenase'
2 non-polymer 'SULFATE ION'
3 non-polymer 'SODIUM ION'
4 water water
#
_entity_poly.entity_id   1
_entity_poly.type   'polypeptide(L)'
_entity_poly.pdbx_seq_one_letter_code
;HHHHHHMLKVGFIGWRGMVGSVLMSRMIESKDFDCILPTFFSTSQVGQLPTGFMQQYGALQDAYSIDQLSSMDILLSCQG
GEYTKEIHHKLREAGWQGFWIDAASTLRLDKDSTLVLDPLNHDQIINAIDNGKKDFIGSNCTVSLMSLAIAGLLKEDLVE
WVNSSTYQAISGAGAAAMQELLQQTSLLSKIDNRDEDILIREKILRELSKDSSKIPQQKTVQTLAYNLLPWIDVGMPSGQ
TKEEYKAATELNKILDTKKTIPVDGICVRVPSLRSHSQALTVKLRQKLTIEEIKQKISQGNEWVKVIDNNKEDTLKYLTP
QANSGTLDIAIGRIKSSLLADDIFHCFTVGDQLLWGAAEPLRRVLNIIKI
;
_entity_poly.pdbx_strand_id   A,B
#
# COMPACT_ATOMS: atom_id res chain seq x y z
N MET A 7 -30.67 -16.31 -34.10
CA MET A 7 -29.49 -16.49 -33.19
C MET A 7 -28.68 -15.20 -33.12
N LEU A 8 -28.28 -14.80 -31.90
CA LEU A 8 -27.64 -13.46 -31.68
C LEU A 8 -26.23 -13.33 -32.23
N LYS A 9 -26.04 -12.29 -33.04
CA LYS A 9 -24.72 -12.04 -33.63
C LYS A 9 -23.94 -11.12 -32.68
N VAL A 10 -22.90 -11.66 -32.05
CA VAL A 10 -22.14 -10.93 -31.06
C VAL A 10 -20.71 -10.72 -31.54
N GLY A 11 -20.26 -9.48 -31.51
CA GLY A 11 -18.98 -9.09 -31.96
C GLY A 11 -18.10 -8.78 -30.77
N PHE A 12 -16.80 -9.11 -30.90
CA PHE A 12 -15.88 -8.91 -29.82
C PHE A 12 -14.73 -8.02 -30.26
N ILE A 13 -14.59 -6.88 -29.59
CA ILE A 13 -13.41 -6.04 -29.72
C ILE A 13 -12.62 -6.04 -28.41
N GLY A 14 -11.31 -6.01 -28.48
CA GLY A 14 -10.46 -5.97 -27.24
C GLY A 14 -9.89 -7.31 -26.77
N TRP A 15 -10.22 -8.37 -27.49
CA TRP A 15 -9.97 -9.74 -27.05
C TRP A 15 -8.51 -10.17 -26.96
N ARG A 16 -7.63 -9.41 -27.60
CA ARG A 16 -6.22 -9.76 -27.66
C ARG A 16 -5.45 -9.43 -26.37
N GLY A 17 -5.92 -8.44 -25.65
CA GLY A 17 -5.29 -7.98 -24.42
C GLY A 17 -5.64 -8.81 -23.21
N MET A 18 -5.33 -8.29 -22.03
CA MET A 18 -5.41 -9.09 -20.81
C MET A 18 -6.84 -9.30 -20.34
N VAL A 19 -7.62 -8.24 -20.27
CA VAL A 19 -9.01 -8.33 -19.86
C VAL A 19 -9.68 -9.28 -20.84
N GLY A 20 -9.40 -9.02 -22.11
CA GLY A 20 -9.95 -9.78 -23.24
C GLY A 20 -9.60 -11.23 -23.24
N SER A 21 -8.39 -11.60 -22.88
CA SER A 21 -8.04 -13.04 -22.80
C SER A 21 -8.71 -13.68 -21.58
N VAL A 22 -8.79 -12.92 -20.52
CA VAL A 22 -9.41 -13.44 -19.34
C VAL A 22 -10.90 -13.67 -19.62
N LEU A 23 -11.48 -12.79 -20.41
CA LEU A 23 -12.89 -12.91 -20.80
C LEU A 23 -13.08 -14.14 -21.67
N MET A 24 -12.25 -14.26 -22.71
CA MET A 24 -12.29 -15.43 -23.58
C MET A 24 -12.19 -16.68 -22.74
N SER A 25 -11.17 -16.77 -21.91
CA SER A 25 -11.00 -17.96 -21.09
C SER A 25 -12.22 -18.22 -20.22
N ARG A 26 -12.88 -17.18 -19.76
CA ARG A 26 -13.99 -17.37 -18.82
C ARG A 26 -15.19 -17.84 -19.60
N MET A 27 -15.28 -17.39 -20.85
CA MET A 27 -16.34 -17.83 -21.74
C MET A 27 -16.18 -19.25 -22.19
N ILE A 28 -14.95 -19.68 -22.52
CA ILE A 28 -14.71 -21.07 -22.91
C ILE A 28 -15.21 -21.97 -21.76
N GLU A 29 -14.62 -21.72 -20.60
CA GLU A 29 -14.93 -22.42 -19.31
C GLU A 29 -16.45 -22.51 -18.98
N SER A 30 -17.21 -21.48 -19.34
CA SER A 30 -18.68 -21.40 -19.02
C SER A 30 -19.61 -21.79 -20.17
N LYS A 31 -19.05 -22.17 -21.30
CA LYS A 31 -19.80 -22.48 -22.51
C LYS A 31 -20.65 -21.31 -22.97
N ASP A 32 -20.14 -20.10 -22.79
CA ASP A 32 -20.87 -18.89 -23.19
C ASP A 32 -20.93 -18.62 -24.69
N PHE A 33 -20.17 -19.33 -25.49
CA PHE A 33 -20.34 -19.23 -26.95
C PHE A 33 -21.49 -20.08 -27.50
N ASP A 34 -21.99 -21.00 -26.71
CA ASP A 34 -22.93 -22.00 -27.24
C ASP A 34 -24.13 -21.47 -28.07
N CYS A 35 -24.72 -20.34 -27.68
CA CYS A 35 -25.97 -19.89 -28.36
C CYS A 35 -25.88 -18.51 -28.96
N ILE A 36 -24.73 -18.22 -29.54
CA ILE A 36 -24.46 -16.96 -30.16
C ILE A 36 -23.63 -17.21 -31.39
N LEU A 37 -23.62 -16.24 -32.29
CA LEU A 37 -22.75 -16.28 -33.47
C LEU A 37 -21.61 -15.29 -33.31
N PRO A 38 -20.51 -15.73 -32.72
CA PRO A 38 -19.47 -14.76 -32.45
C PRO A 38 -18.82 -14.24 -33.71
N THR A 39 -18.36 -13.00 -33.66
CA THR A 39 -17.53 -12.43 -34.70
C THR A 39 -16.44 -11.65 -34.02
N PHE A 40 -15.23 -11.78 -34.50
CA PHE A 40 -14.08 -11.29 -33.80
C PHE A 40 -13.43 -10.17 -34.57
N PHE A 41 -13.45 -8.99 -33.96
CA PHE A 41 -12.94 -7.79 -34.62
C PHE A 41 -11.49 -7.49 -34.29
N SER A 42 -10.85 -6.80 -35.21
CA SER A 42 -9.42 -6.63 -35.12
C SER A 42 -9.00 -5.33 -35.75
N THR A 43 -7.75 -5.00 -35.53
CA THR A 43 -7.10 -3.95 -36.31
C THR A 43 -5.80 -4.42 -36.96
N SER A 44 -5.56 -5.71 -37.09
CA SER A 44 -4.22 -6.12 -37.61
C SER A 44 -4.31 -7.11 -38.76
N GLN A 45 -4.44 -8.38 -38.43
CA GLN A 45 -4.55 -9.40 -39.45
C GLN A 45 -6.02 -9.53 -39.88
N VAL A 46 -6.60 -8.45 -40.40
CA VAL A 46 -8.00 -8.48 -40.84
C VAL A 46 -8.20 -9.34 -42.08
N GLY A 47 -9.34 -10.02 -42.13
CA GLY A 47 -9.63 -10.96 -43.21
C GLY A 47 -8.87 -12.26 -43.08
N GLN A 48 -8.04 -12.34 -42.03
CA GLN A 48 -7.27 -13.53 -41.74
C GLN A 48 -7.96 -14.41 -40.71
N LEU A 49 -7.59 -15.68 -40.73
CA LEU A 49 -8.07 -16.63 -39.77
C LEU A 49 -7.20 -16.54 -38.55
N PRO A 50 -7.78 -16.12 -37.41
CA PRO A 50 -6.98 -16.08 -36.21
C PRO A 50 -6.56 -17.46 -35.78
N THR A 51 -5.51 -17.51 -35.01
CA THR A 51 -5.15 -18.77 -34.40
C THR A 51 -5.94 -18.95 -33.08
N GLY A 52 -5.99 -20.18 -32.59
CA GLY A 52 -6.83 -20.48 -31.42
C GLY A 52 -8.30 -20.74 -31.77
N PHE A 53 -9.13 -20.88 -30.75
CA PHE A 53 -10.48 -21.33 -30.95
C PHE A 53 -11.25 -20.37 -31.85
N MET A 54 -10.91 -19.09 -31.77
CA MET A 54 -11.61 -18.04 -32.52
C MET A 54 -11.71 -18.39 -33.99
N GLN A 55 -10.75 -19.18 -34.44
CA GLN A 55 -10.71 -19.60 -35.82
C GLN A 55 -12.03 -20.24 -36.30
N GLN A 56 -12.74 -20.92 -35.40
CA GLN A 56 -13.98 -21.61 -35.76
C GLN A 56 -15.14 -20.65 -36.08
N TYR A 57 -14.95 -19.37 -35.79
CA TYR A 57 -15.96 -18.37 -36.10
C TYR A 57 -15.64 -17.62 -37.39
N GLY A 58 -14.51 -17.94 -37.99
CA GLY A 58 -14.15 -17.45 -39.31
C GLY A 58 -13.09 -16.37 -39.29
N ALA A 59 -13.21 -15.45 -40.22
CA ALA A 59 -12.22 -14.41 -40.43
C ALA A 59 -12.39 -13.22 -39.51
N LEU A 60 -11.29 -12.55 -39.21
CA LEU A 60 -11.31 -11.35 -38.41
C LEU A 60 -11.83 -10.20 -39.24
N GLN A 61 -12.84 -9.52 -38.71
CA GLN A 61 -13.37 -8.36 -39.35
C GLN A 61 -12.71 -7.11 -38.78
N ASP A 62 -12.98 -5.96 -39.38
CA ASP A 62 -12.29 -4.69 -39.08
C ASP A 62 -12.98 -3.96 -37.93
N ALA A 63 -12.21 -3.69 -36.88
CA ALA A 63 -12.70 -2.97 -35.71
C ALA A 63 -13.28 -1.60 -36.08
N TYR A 64 -12.63 -0.92 -37.01
CA TYR A 64 -13.02 0.43 -37.44
C TYR A 64 -14.02 0.47 -38.58
N SER A 65 -14.31 -0.68 -39.18
CA SER A 65 -15.34 -0.70 -40.21
C SER A 65 -16.68 -0.58 -39.53
N ILE A 66 -17.38 0.50 -39.85
CA ILE A 66 -18.68 0.83 -39.28
C ILE A 66 -19.81 -0.03 -39.83
N ASP A 67 -19.62 -0.55 -41.03
CA ASP A 67 -20.66 -1.38 -41.66
C ASP A 67 -20.68 -2.73 -41.00
N GLN A 68 -19.51 -3.31 -40.82
CA GLN A 68 -19.37 -4.65 -40.26
C GLN A 68 -19.84 -4.70 -38.80
N LEU A 69 -19.44 -3.69 -38.02
CA LEU A 69 -19.87 -3.57 -36.64
C LEU A 69 -21.40 -3.49 -36.54
N SER A 70 -21.99 -2.76 -37.48
CA SER A 70 -23.43 -2.51 -37.52
C SER A 70 -24.28 -3.76 -37.56
N SER A 71 -23.79 -4.80 -38.19
CA SER A 71 -24.60 -6.02 -38.35
C SER A 71 -24.70 -6.86 -37.07
N MET A 72 -23.75 -6.68 -36.15
CA MET A 72 -23.80 -7.38 -34.85
C MET A 72 -25.02 -6.90 -34.04
N ASP A 73 -25.71 -7.83 -33.40
CA ASP A 73 -26.78 -7.50 -32.44
C ASP A 73 -26.24 -6.90 -31.12
N ILE A 74 -25.00 -7.29 -30.78
CA ILE A 74 -24.33 -6.96 -29.53
C ILE A 74 -22.83 -6.87 -29.79
N LEU A 75 -22.21 -5.80 -29.30
CA LEU A 75 -20.76 -5.65 -29.41
C LEU A 75 -20.21 -5.53 -28.01
N LEU A 76 -19.05 -6.16 -27.79
CA LEU A 76 -18.44 -6.18 -26.49
C LEU A 76 -16.97 -5.75 -26.58
N SER A 77 -16.68 -4.58 -26.03
CA SER A 77 -15.37 -3.97 -26.17
C SER A 77 -14.55 -4.00 -24.88
N CYS A 78 -13.32 -4.52 -24.99
CA CYS A 78 -12.29 -4.35 -23.99
C CYS A 78 -11.19 -3.48 -24.60
N GLN A 79 -11.54 -2.73 -25.63
CA GLN A 79 -10.53 -2.05 -26.45
C GLN A 79 -9.94 -0.87 -25.73
N GLY A 80 -10.81 -0.06 -25.12
CA GLY A 80 -10.37 1.17 -24.45
C GLY A 80 -11.24 2.35 -24.81
N GLY A 81 -11.03 3.42 -24.07
CA GLY A 81 -11.78 4.65 -24.25
C GLY A 81 -11.46 5.37 -25.53
N GLU A 82 -10.20 5.35 -25.98
CA GLU A 82 -9.85 6.01 -27.27
C GLU A 82 -10.69 5.39 -28.40
N TYR A 83 -10.92 4.08 -28.30
CA TYR A 83 -11.72 3.38 -29.29
C TYR A 83 -13.19 3.65 -29.08
N THR A 84 -13.66 3.69 -27.86
CA THR A 84 -15.07 3.95 -27.63
C THR A 84 -15.43 5.38 -28.05
N LYS A 85 -14.56 6.34 -27.74
CA LYS A 85 -14.86 7.75 -28.08
C LYS A 85 -14.91 7.83 -29.59
N GLU A 86 -13.88 7.27 -30.23
CA GLU A 86 -13.76 7.34 -31.69
C GLU A 86 -14.78 6.50 -32.47
N ILE A 87 -15.46 5.51 -31.89
CA ILE A 87 -16.38 4.62 -32.67
C ILE A 87 -17.84 4.56 -32.22
N HIS A 88 -18.09 4.57 -30.92
CA HIS A 88 -19.44 4.34 -30.39
C HIS A 88 -20.44 5.33 -30.92
N HIS A 89 -20.05 6.60 -31.00
CA HIS A 89 -20.94 7.68 -31.45
C HIS A 89 -21.29 7.54 -32.94
N LYS A 90 -20.29 7.17 -33.75
CA LYS A 90 -20.48 6.87 -35.18
C LYS A 90 -21.53 5.80 -35.42
N LEU A 91 -21.56 4.78 -34.57
CA LEU A 91 -22.55 3.72 -34.67
C LEU A 91 -23.96 4.22 -34.35
N ARG A 92 -24.11 5.00 -33.30
CA ARG A 92 -25.46 5.50 -32.95
C ARG A 92 -25.91 6.53 -34.01
N GLU A 93 -24.97 7.42 -34.37
CA GLU A 93 -25.13 8.37 -35.49
C GLU A 93 -25.53 7.69 -36.80
N ALA A 94 -25.02 6.48 -37.00
CA ALA A 94 -25.32 5.66 -38.17
C ALA A 94 -26.49 4.71 -37.97
N GLY A 95 -27.36 5.00 -37.01
CA GLY A 95 -28.63 4.25 -36.85
C GLY A 95 -28.62 2.90 -36.13
N TRP A 96 -27.46 2.39 -35.73
CA TRP A 96 -27.38 1.09 -35.00
C TRP A 96 -28.04 1.10 -33.61
N GLN A 97 -29.03 0.23 -33.37
CA GLN A 97 -29.72 0.14 -32.06
C GLN A 97 -29.42 -1.11 -31.21
N GLY A 98 -28.23 -1.67 -31.37
CA GLY A 98 -27.82 -2.84 -30.60
C GLY A 98 -27.20 -2.51 -29.25
N PHE A 99 -26.95 -3.57 -28.47
CA PHE A 99 -26.32 -3.44 -27.16
C PHE A 99 -24.80 -3.26 -27.23
N TRP A 100 -24.33 -2.24 -26.54
CA TRP A 100 -22.91 -1.93 -26.43
C TRP A 100 -22.48 -2.25 -24.98
N ILE A 101 -21.70 -3.32 -24.82
CA ILE A 101 -21.18 -3.70 -23.52
C ILE A 101 -19.73 -3.26 -23.53
N ASP A 102 -19.33 -2.45 -22.54
CA ASP A 102 -18.01 -1.82 -22.59
C ASP A 102 -17.29 -1.86 -21.26
N ALA A 103 -15.98 -2.09 -21.33
CA ALA A 103 -15.09 -1.99 -20.14
C ALA A 103 -14.61 -0.56 -19.84
N ALA A 104 -14.37 0.21 -20.90
CA ALA A 104 -13.77 1.54 -20.77
C ALA A 104 -14.70 2.45 -19.96
N SER A 105 -14.13 3.52 -19.44
CA SER A 105 -14.86 4.41 -18.50
C SER A 105 -15.68 5.50 -19.13
N THR A 106 -15.52 5.68 -20.43
CA THR A 106 -16.04 6.82 -21.17
C THR A 106 -17.53 7.05 -20.96
N LEU A 107 -18.30 6.00 -21.11
CA LEU A 107 -19.75 6.11 -21.08
C LEU A 107 -20.32 5.92 -19.69
N ARG A 108 -19.48 5.66 -18.69
CA ARG A 108 -20.00 5.25 -17.36
C ARG A 108 -21.10 6.09 -16.74
N LEU A 109 -21.01 7.41 -16.93
CA LEU A 109 -21.86 8.39 -16.25
C LEU A 109 -22.99 9.04 -17.07
N ASP A 110 -23.14 8.66 -18.32
CA ASP A 110 -24.24 9.17 -19.14
C ASP A 110 -25.58 8.61 -18.63
N LYS A 111 -26.65 9.38 -18.72
CA LYS A 111 -27.97 8.94 -18.22
C LYS A 111 -28.44 7.68 -18.98
N ASP A 112 -28.03 7.57 -20.24
CA ASP A 112 -28.36 6.42 -21.09
C ASP A 112 -27.65 5.13 -20.66
N SER A 113 -26.47 5.27 -20.04
CA SER A 113 -25.66 4.12 -19.60
C SER A 113 -26.18 3.52 -18.30
N THR A 114 -26.00 2.20 -18.19
CA THR A 114 -26.18 1.47 -16.94
C THR A 114 -24.82 0.86 -16.57
N LEU A 115 -24.40 1.07 -15.32
CA LEU A 115 -23.16 0.45 -14.82
C LEU A 115 -23.52 -0.97 -14.42
N VAL A 116 -22.71 -1.96 -14.80
CA VAL A 116 -23.06 -3.35 -14.49
C VAL A 116 -22.23 -3.98 -13.39
N LEU A 117 -22.93 -4.47 -12.37
CA LEU A 117 -22.31 -5.31 -11.35
C LEU A 117 -23.38 -6.20 -10.78
N ASP A 118 -23.71 -7.26 -11.51
CA ASP A 118 -25.04 -7.88 -11.34
C ASP A 118 -25.36 -8.45 -9.95
N PRO A 119 -24.35 -8.85 -9.17
CA PRO A 119 -24.67 -9.28 -7.81
C PRO A 119 -25.17 -8.14 -6.95
N LEU A 120 -25.04 -6.91 -7.43
CA LEU A 120 -25.60 -5.77 -6.71
C LEU A 120 -26.81 -5.10 -7.40
N ASN A 121 -26.85 -5.09 -8.72
CA ASN A 121 -27.87 -4.37 -9.45
C ASN A 121 -28.46 -5.16 -10.60
N HIS A 122 -28.59 -6.48 -10.43
CA HIS A 122 -29.21 -7.32 -11.46
C HIS A 122 -30.57 -6.76 -11.82
N ASP A 123 -31.40 -6.56 -10.80
CA ASP A 123 -32.79 -6.11 -10.95
C ASP A 123 -32.90 -4.80 -11.72
N GLN A 124 -31.76 -4.13 -11.88
CA GLN A 124 -31.71 -2.84 -12.55
C GLN A 124 -31.22 -2.97 -13.95
N ILE A 125 -30.34 -3.92 -14.17
CA ILE A 125 -29.90 -4.21 -15.53
C ILE A 125 -31.13 -4.66 -16.30
N ILE A 126 -31.90 -5.55 -15.70
CA ILE A 126 -33.11 -6.04 -16.33
C ILE A 126 -34.09 -4.92 -16.64
N ASN A 127 -34.24 -4.01 -15.70
CA ASN A 127 -35.15 -2.88 -15.87
C ASN A 127 -34.70 -1.97 -17.02
N ALA A 128 -33.39 -1.89 -17.21
CA ALA A 128 -32.80 -1.02 -18.24
C ALA A 128 -32.97 -1.62 -19.63
N ILE A 129 -32.64 -2.90 -19.74
CA ILE A 129 -32.83 -3.65 -20.98
C ILE A 129 -34.31 -3.50 -21.36
N ASP A 130 -35.17 -3.83 -20.38
CA ASP A 130 -36.64 -3.70 -20.49
C ASP A 130 -37.08 -2.30 -20.95
N ASN A 131 -36.42 -1.25 -20.50
CA ASN A 131 -36.83 0.11 -20.88
C ASN A 131 -36.18 0.61 -22.17
N GLY A 132 -35.65 -0.31 -22.96
CA GLY A 132 -34.92 0.03 -24.19
C GLY A 132 -33.61 0.76 -23.99
N LYS A 133 -32.93 0.51 -22.89
CA LYS A 133 -31.57 1.02 -22.76
C LYS A 133 -30.58 0.03 -23.40
N LYS A 134 -29.51 0.56 -24.00
CA LYS A 134 -28.61 -0.21 -24.84
C LYS A 134 -27.09 -0.17 -24.49
N ASP A 135 -26.71 0.71 -23.55
CA ASP A 135 -25.29 0.85 -23.15
C ASP A 135 -25.04 0.38 -21.71
N PHE A 136 -24.23 -0.68 -21.60
CA PHE A 136 -23.99 -1.39 -20.35
C PHE A 136 -22.47 -1.45 -20.10
N ILE A 137 -22.04 -0.69 -19.10
CA ILE A 137 -20.64 -0.39 -18.89
C ILE A 137 -20.13 -0.94 -17.58
N GLY A 138 -18.95 -1.55 -17.63
CA GLY A 138 -18.31 -2.10 -16.43
C GLY A 138 -17.78 -0.94 -15.61
N SER A 139 -17.84 -1.05 -14.28
CA SER A 139 -17.36 0.03 -13.44
C SER A 139 -15.86 -0.10 -13.28
N ASN A 140 -15.27 0.92 -12.68
CA ASN A 140 -13.88 0.90 -12.29
C ASN A 140 -13.62 -0.27 -11.33
N CYS A 141 -12.45 -0.87 -11.46
CA CYS A 141 -12.09 -2.09 -10.75
C CYS A 141 -12.14 -1.91 -9.23
N THR A 142 -11.72 -0.76 -8.75
CA THR A 142 -11.75 -0.48 -7.34
C THR A 142 -13.21 -0.51 -6.79
N VAL A 143 -14.14 0.02 -7.56
CA VAL A 143 -15.55 0.09 -7.10
C VAL A 143 -16.14 -1.33 -7.16
N SER A 144 -15.76 -2.07 -8.17
CA SER A 144 -16.30 -3.40 -8.34
C SER A 144 -15.85 -4.28 -7.22
N LEU A 145 -14.58 -4.14 -6.88
CA LEU A 145 -13.98 -5.04 -5.91
C LEU A 145 -14.35 -4.70 -4.50
N MET A 146 -14.57 -3.43 -4.25
CA MET A 146 -14.98 -3.00 -2.93
C MET A 146 -16.43 -3.39 -2.66
N SER A 147 -17.27 -3.03 -3.60
CA SER A 147 -18.72 -3.17 -3.44
C SER A 147 -19.05 -4.63 -3.20
N LEU A 148 -18.39 -5.51 -3.94
CA LEU A 148 -18.54 -6.96 -3.75
C LEU A 148 -18.10 -7.44 -2.37
N ALA A 149 -17.06 -6.85 -1.83
CA ALA A 149 -16.52 -7.28 -0.55
C ALA A 149 -17.45 -6.92 0.60
N ILE A 150 -17.97 -5.71 0.60
CA ILE A 150 -18.89 -5.28 1.62
C ILE A 150 -20.34 -5.25 1.12
N ALA A 151 -20.62 -6.07 0.12
CA ALA A 151 -21.96 -6.13 -0.47
C ALA A 151 -23.08 -6.39 0.56
N GLY A 152 -22.77 -7.22 1.54
CA GLY A 152 -23.75 -7.61 2.57
C GLY A 152 -24.11 -6.50 3.54
N LEU A 153 -23.26 -5.47 3.64
CA LEU A 153 -23.59 -4.22 4.33
C LEU A 153 -24.33 -3.23 3.42
N LEU A 154 -23.96 -3.20 2.15
CA LEU A 154 -24.55 -2.21 1.23
C LEU A 154 -26.02 -2.53 0.93
N LYS A 155 -26.31 -3.83 0.76
CA LYS A 155 -27.64 -4.29 0.48
C LYS A 155 -28.59 -3.87 1.57
N GLU A 156 -28.14 -3.95 2.81
CA GLU A 156 -28.95 -3.51 3.96
C GLU A 156 -28.89 -1.98 4.18
N ASP A 157 -28.34 -1.26 3.21
CA ASP A 157 -28.13 0.19 3.37
C ASP A 157 -27.57 0.58 4.73
N LEU A 158 -26.60 -0.17 5.20
CA LEU A 158 -25.98 0.11 6.51
C LEU A 158 -24.71 1.00 6.46
N VAL A 159 -24.20 1.29 5.28
CA VAL A 159 -22.94 2.04 5.17
C VAL A 159 -23.19 3.52 4.95
N GLU A 160 -22.62 4.34 5.83
CA GLU A 160 -22.74 5.79 5.77
C GLU A 160 -21.66 6.39 4.88
N TRP A 161 -20.41 5.95 5.08
CA TRP A 161 -19.31 6.25 4.15
C TRP A 161 -18.15 5.26 4.20
N VAL A 162 -17.28 5.35 3.18
CA VAL A 162 -16.10 4.47 3.02
C VAL A 162 -14.81 5.20 2.65
N ASN A 163 -13.81 5.15 3.52
CA ASN A 163 -12.45 5.50 3.12
C ASN A 163 -11.81 4.26 2.57
N SER A 164 -11.30 4.33 1.34
CA SER A 164 -10.42 3.27 0.81
C SER A 164 -8.99 3.76 0.47
N SER A 165 -7.99 3.00 0.90
CA SER A 165 -6.61 3.19 0.49
C SER A 165 -6.19 1.98 -0.31
N THR A 166 -5.90 2.17 -1.57
CA THR A 166 -5.69 1.01 -2.43
C THR A 166 -4.21 0.76 -2.65
N TYR A 167 -3.96 -0.47 -2.99
CA TYR A 167 -2.64 -1.02 -3.23
C TYR A 167 -2.89 -1.74 -4.56
N GLN A 168 -2.81 -0.97 -5.64
CA GLN A 168 -3.23 -1.45 -6.97
C GLN A 168 -2.15 -2.03 -7.83
N ALA A 169 -2.49 -3.13 -8.46
CA ALA A 169 -1.57 -3.89 -9.30
C ALA A 169 -1.44 -3.31 -10.72
N ILE A 170 -0.39 -3.72 -11.38
CA ILE A 170 0.02 -3.08 -12.60
C ILE A 170 -0.87 -3.50 -13.76
N SER A 171 -1.52 -4.65 -13.69
CA SER A 171 -2.37 -5.11 -14.76
C SER A 171 -3.43 -4.13 -15.19
N GLY A 172 -3.96 -3.34 -14.28
CA GLY A 172 -5.00 -2.35 -14.62
C GLY A 172 -4.54 -1.35 -15.65
N ALA A 173 -3.20 -1.22 -15.76
CA ALA A 173 -2.54 -0.29 -16.67
C ALA A 173 -2.27 -0.88 -18.05
N GLY A 174 -2.52 -2.18 -18.22
CA GLY A 174 -2.28 -2.86 -19.49
C GLY A 174 -1.07 -3.76 -19.50
N ALA A 175 -0.94 -4.55 -20.56
CA ALA A 175 0.11 -5.60 -20.68
C ALA A 175 1.56 -5.15 -20.90
N ALA A 176 1.74 -3.97 -21.49
CA ALA A 176 3.11 -3.48 -21.66
C ALA A 176 3.62 -2.88 -20.32
N ALA A 177 2.72 -2.27 -19.56
CA ALA A 177 3.10 -1.76 -18.21
C ALA A 177 3.60 -2.89 -17.31
N MET A 178 2.92 -4.02 -17.38
CA MET A 178 3.29 -5.22 -16.60
C MET A 178 4.62 -5.78 -17.03
N GLN A 179 4.78 -5.89 -18.34
CA GLN A 179 6.05 -6.29 -18.94
C GLN A 179 7.13 -5.38 -18.45
N GLU A 180 6.86 -4.08 -18.51
CA GLU A 180 7.84 -3.12 -17.99
C GLU A 180 8.21 -3.43 -16.53
N LEU A 181 7.21 -3.60 -15.66
CA LEU A 181 7.45 -3.87 -14.24
C LEU A 181 8.30 -5.10 -14.06
N LEU A 182 7.94 -6.17 -14.76
CA LEU A 182 8.75 -7.40 -14.72
C LEU A 182 10.18 -7.16 -15.16
N GLN A 183 10.34 -6.35 -16.18
CA GLN A 183 11.66 -6.07 -16.72
C GLN A 183 12.51 -5.16 -15.80
N GLN A 184 11.89 -4.10 -15.28
CA GLN A 184 12.59 -3.29 -14.29
C GLN A 184 13.17 -4.18 -13.23
N THR A 185 12.33 -5.04 -12.69
CA THR A 185 12.71 -5.94 -11.60
C THR A 185 13.82 -6.92 -12.01
N SER A 186 13.77 -7.36 -13.25
CA SER A 186 14.79 -8.27 -13.78
C SER A 186 16.15 -7.61 -13.80
N LEU A 187 16.20 -6.42 -14.39
CA LEU A 187 17.43 -5.68 -14.58
C LEU A 187 18.09 -5.31 -13.28
N LEU A 188 17.31 -4.76 -12.39
CA LEU A 188 17.77 -4.45 -11.05
C LEU A 188 18.25 -5.70 -10.35
N SER A 189 17.63 -6.84 -10.61
CA SER A 189 18.08 -8.09 -9.98
C SER A 189 19.46 -8.50 -10.50
N LYS A 190 19.76 -8.18 -11.75
CA LYS A 190 21.08 -8.52 -12.33
C LYS A 190 22.16 -7.68 -11.69
N ILE A 191 21.99 -6.37 -11.74
CA ILE A 191 22.96 -5.46 -11.14
C ILE A 191 23.18 -5.68 -9.64
N ASP A 192 22.18 -6.20 -8.94
CA ASP A 192 22.32 -6.42 -7.50
C ASP A 192 23.31 -7.53 -7.15
N ASN A 193 24.25 -7.19 -6.27
CA ASN A 193 25.33 -8.04 -5.82
C ASN A 193 25.17 -8.49 -4.37
N ARG A 194 25.08 -9.79 -4.18
CA ARG A 194 24.92 -10.39 -2.86
C ARG A 194 26.08 -10.06 -1.89
N ASP A 195 27.28 -9.97 -2.42
CA ASP A 195 28.50 -9.77 -1.62
C ASP A 195 28.67 -8.37 -1.11
N GLU A 196 28.06 -7.41 -1.79
CA GLU A 196 28.11 -6.01 -1.33
C GLU A 196 27.28 -5.80 -0.03
N ASP A 197 27.64 -4.80 0.75
CA ASP A 197 26.93 -4.48 2.00
C ASP A 197 25.47 -4.09 1.72
N ILE A 198 24.57 -4.56 2.58
CA ILE A 198 23.10 -4.41 2.37
C ILE A 198 22.63 -2.98 2.08
N LEU A 199 23.16 -1.99 2.81
CA LEU A 199 22.69 -0.61 2.60
C LEU A 199 23.25 -0.05 1.31
N ILE A 200 24.41 -0.57 0.90
CA ILE A 200 25.04 -0.14 -0.35
C ILE A 200 24.30 -0.74 -1.55
N ARG A 201 23.85 -1.97 -1.40
CA ARG A 201 23.01 -2.58 -2.43
C ARG A 201 21.72 -1.78 -2.65
N GLU A 202 21.07 -1.41 -1.55
CA GLU A 202 19.81 -0.64 -1.61
C GLU A 202 20.05 0.65 -2.34
N LYS A 203 21.12 1.32 -1.97
CA LYS A 203 21.55 2.55 -2.66
C LYS A 203 21.77 2.36 -4.17
N ILE A 204 22.45 1.29 -4.53
CA ILE A 204 22.79 0.98 -5.92
C ILE A 204 21.55 0.76 -6.76
N LEU A 205 20.63 -0.04 -6.22
CA LEU A 205 19.32 -0.24 -6.87
C LEU A 205 18.61 1.07 -7.00
N ARG A 206 18.59 1.79 -5.89
CA ARG A 206 17.87 3.06 -5.84
C ARG A 206 18.34 4.01 -6.92
N GLU A 207 19.66 4.21 -7.02
CA GLU A 207 20.20 5.13 -8.06
C GLU A 207 19.95 4.59 -9.45
N LEU A 208 20.14 3.29 -9.65
CA LEU A 208 19.89 2.69 -10.95
C LEU A 208 18.40 2.86 -11.36
N SER A 209 17.49 2.66 -10.42
CA SER A 209 16.03 2.74 -10.69
C SER A 209 15.64 4.07 -11.32
N LYS A 210 16.35 5.11 -10.93
CA LYS A 210 16.14 6.47 -11.46
C LYS A 210 16.66 6.77 -12.87
N ASP A 211 17.58 5.96 -13.41
CA ASP A 211 18.11 6.19 -14.77
C ASP A 211 17.19 5.61 -15.85
N SER A 212 16.46 6.49 -16.53
CA SER A 212 15.53 6.07 -17.59
C SER A 212 16.18 5.49 -18.84
N SER A 213 17.50 5.61 -18.96
CA SER A 213 18.21 5.06 -20.10
C SER A 213 18.78 3.67 -19.80
N LYS A 214 18.68 3.26 -18.53
CA LYS A 214 19.15 1.93 -18.10
C LYS A 214 17.97 1.06 -17.73
N ILE A 215 17.03 1.68 -17.02
CA ILE A 215 15.87 0.98 -16.50
C ILE A 215 14.67 1.62 -17.11
N PRO A 216 13.96 0.90 -17.98
CA PRO A 216 12.86 1.50 -18.72
C PRO A 216 11.71 1.84 -17.83
N GLN A 217 11.25 3.08 -17.91
CA GLN A 217 10.18 3.52 -17.02
C GLN A 217 9.21 4.44 -17.71
N GLN A 218 9.19 4.39 -19.02
CA GLN A 218 8.30 5.25 -19.76
C GLN A 218 6.83 4.90 -19.53
N LYS A 219 6.54 3.61 -19.41
CA LYS A 219 5.19 3.14 -19.15
C LYS A 219 4.67 3.38 -17.73
N THR A 220 5.50 3.17 -16.73
CA THR A 220 5.12 3.43 -15.35
C THR A 220 5.53 4.82 -14.97
N VAL A 221 6.06 5.56 -15.94
CA VAL A 221 6.56 6.94 -15.76
C VAL A 221 7.81 6.99 -14.87
N GLN A 222 7.78 6.28 -13.74
CA GLN A 222 8.95 6.07 -12.89
C GLN A 222 9.04 4.58 -12.63
N THR A 223 10.14 4.16 -12.08
CA THR A 223 10.30 2.76 -11.76
C THR A 223 9.31 2.35 -10.64
N LEU A 224 8.54 1.29 -10.89
CA LEU A 224 7.58 0.78 -9.92
C LEU A 224 8.23 -0.26 -9.01
N ALA A 225 9.25 -0.97 -9.51
CA ALA A 225 9.87 -2.00 -8.69
C ALA A 225 10.52 -1.40 -7.46
N TYR A 226 10.35 -2.07 -6.31
CA TYR A 226 10.78 -1.56 -5.01
C TYR A 226 10.27 -0.15 -4.81
N ASN A 227 9.09 0.13 -5.33
CA ASN A 227 8.55 1.45 -5.24
C ASN A 227 7.04 1.48 -5.06
N LEU A 228 6.48 2.67 -4.90
CA LEU A 228 5.06 2.92 -4.79
C LEU A 228 4.78 4.13 -5.64
N LEU A 229 3.61 4.19 -6.28
CA LEU A 229 3.19 5.40 -6.99
C LEU A 229 1.79 5.91 -6.61
N PRO A 230 1.75 6.97 -5.80
CA PRO A 230 0.47 7.41 -5.28
C PRO A 230 -0.23 8.42 -6.20
N TRP A 231 -0.22 8.11 -7.49
CA TRP A 231 -1.02 8.84 -8.49
C TRP A 231 -1.46 7.90 -9.60
N ILE A 232 -2.79 7.73 -9.73
CA ILE A 232 -3.33 6.93 -10.83
C ILE A 232 -4.29 7.76 -11.66
N ASP A 233 -3.98 7.91 -12.96
CA ASP A 233 -4.85 8.52 -13.99
C ASP A 233 -4.60 10.06 -14.22
N VAL A 234 -5.68 10.84 -14.35
CA VAL A 234 -5.57 12.29 -14.64
C VAL A 234 -5.98 13.18 -13.44
N GLY A 235 -5.44 14.39 -13.41
CA GLY A 235 -5.71 15.34 -12.33
C GLY A 235 -7.13 15.86 -12.37
N MET A 236 -7.76 15.93 -11.21
CA MET A 236 -9.07 16.56 -11.06
C MET A 236 -8.91 17.88 -10.32
N PRO A 237 -9.80 18.85 -10.58
CA PRO A 237 -9.67 20.13 -9.86
C PRO A 237 -9.98 20.05 -8.35
N SER A 238 -10.73 19.03 -7.93
CA SER A 238 -11.01 18.78 -6.50
C SER A 238 -9.75 18.39 -5.67
N GLY A 239 -8.71 17.93 -6.34
CA GLY A 239 -7.48 17.43 -5.69
C GLY A 239 -7.28 15.93 -5.91
N GLN A 240 -8.37 15.25 -6.26
CA GLN A 240 -8.36 13.81 -6.54
C GLN A 240 -7.72 13.51 -7.90
N THR A 241 -7.29 12.27 -8.09
CA THR A 241 -7.03 11.78 -9.44
C THR A 241 -8.39 11.36 -9.97
N LYS A 242 -8.44 11.08 -11.27
CA LYS A 242 -9.68 10.62 -11.90
C LYS A 242 -10.04 9.27 -11.31
N GLU A 243 -9.02 8.44 -11.09
CA GLU A 243 -9.16 7.11 -10.43
C GLU A 243 -9.98 7.16 -9.14
N GLU A 244 -9.72 8.20 -8.37
CA GLU A 244 -10.30 8.41 -7.02
C GLU A 244 -11.71 9.00 -7.05
N TYR A 245 -11.94 9.97 -7.92
CA TYR A 245 -13.27 10.58 -8.07
C TYR A 245 -14.31 9.58 -8.59
N LYS A 246 -13.86 8.68 -9.46
CA LYS A 246 -14.72 7.61 -9.94
C LYS A 246 -15.47 7.11 -8.72
N ALA A 247 -14.71 6.61 -7.76
CA ALA A 247 -15.27 5.76 -6.74
C ALA A 247 -16.71 6.18 -6.33
N ALA A 248 -16.90 7.41 -5.85
CA ALA A 248 -18.18 7.74 -5.18
C ALA A 248 -19.37 7.74 -6.13
N THR A 249 -19.18 8.34 -7.28
CA THR A 249 -20.22 8.53 -8.26
C THR A 249 -20.70 7.22 -8.86
N GLU A 250 -19.75 6.32 -9.11
CA GLU A 250 -20.05 4.98 -9.64
C GLU A 250 -20.80 4.10 -8.63
N LEU A 251 -20.29 4.06 -7.42
CA LEU A 251 -20.96 3.30 -6.38
C LEU A 251 -22.42 3.75 -6.24
N ASN A 252 -22.64 5.05 -6.25
CA ASN A 252 -23.99 5.55 -6.09
C ASN A 252 -24.84 5.30 -7.31
N LYS A 253 -24.21 5.33 -8.48
CA LYS A 253 -24.92 4.94 -9.69
C LYS A 253 -25.28 3.45 -9.67
N ILE A 254 -24.35 2.59 -9.22
CA ILE A 254 -24.63 1.16 -9.14
C ILE A 254 -25.76 0.83 -8.15
N LEU A 255 -25.71 1.44 -6.99
CA LEU A 255 -26.73 1.20 -5.94
C LEU A 255 -27.97 2.04 -6.15
N ASP A 256 -27.87 3.00 -7.07
CA ASP A 256 -28.93 4.00 -7.29
C ASP A 256 -29.48 4.46 -5.96
N THR A 257 -28.64 5.13 -5.20
CA THR A 257 -28.99 5.56 -3.86
C THR A 257 -29.93 6.77 -3.85
N LYS A 258 -30.84 6.77 -2.88
CA LYS A 258 -31.60 7.99 -2.57
C LYS A 258 -30.60 8.96 -1.92
N LYS A 259 -29.82 8.39 -1.01
CA LYS A 259 -28.91 9.14 -0.16
C LYS A 259 -27.46 8.84 -0.54
N THR A 260 -26.74 9.84 -1.01
CA THR A 260 -25.37 9.59 -1.43
C THR A 260 -24.47 9.05 -0.30
N ILE A 261 -23.76 7.98 -0.63
CA ILE A 261 -22.74 7.42 0.23
C ILE A 261 -21.39 7.93 -0.27
N PRO A 262 -20.73 8.79 0.53
CA PRO A 262 -19.42 9.28 0.11
C PRO A 262 -18.38 8.17 0.06
N VAL A 263 -17.53 8.20 -0.94
CA VAL A 263 -16.36 7.31 -1.06
C VAL A 263 -15.17 8.20 -1.31
N ASP A 264 -14.12 8.03 -0.54
CA ASP A 264 -12.92 8.82 -0.74
C ASP A 264 -11.72 8.02 -0.28
N GLY A 265 -10.55 8.54 -0.56
CA GLY A 265 -9.26 7.98 -0.12
C GLY A 265 -8.20 8.24 -1.19
N ILE A 266 -7.20 7.36 -1.25
CA ILE A 266 -6.15 7.50 -2.18
C ILE A 266 -5.87 6.20 -2.93
N CYS A 267 -5.60 6.34 -4.22
CA CYS A 267 -5.31 5.22 -5.11
C CYS A 267 -3.78 5.16 -5.42
N VAL A 268 -3.17 4.04 -5.08
CA VAL A 268 -1.73 3.92 -5.10
C VAL A 268 -1.38 2.69 -5.91
N ARG A 269 -0.47 2.87 -6.85
CA ARG A 269 0.04 1.78 -7.61
C ARG A 269 1.13 1.16 -6.79
N VAL A 270 1.13 -0.16 -6.72
CA VAL A 270 2.19 -0.96 -6.05
C VAL A 270 2.71 -2.07 -6.98
N PRO A 271 3.84 -2.70 -6.64
CA PRO A 271 4.45 -3.75 -7.48
C PRO A 271 3.78 -5.12 -7.35
N SER A 272 2.47 -5.15 -7.55
CA SER A 272 1.73 -6.39 -7.67
C SER A 272 1.38 -6.56 -9.13
N LEU A 273 1.02 -7.77 -9.50
CA LEU A 273 0.73 -8.05 -10.90
C LEU A 273 -0.74 -8.03 -11.35
N ARG A 274 -1.67 -8.71 -10.66
CA ARG A 274 -3.11 -8.69 -11.10
C ARG A 274 -4.18 -8.59 -10.02
N SER A 275 -3.78 -8.51 -8.77
CA SER A 275 -4.78 -8.37 -7.71
C SER A 275 -4.73 -6.99 -7.09
N HIS A 276 -5.88 -6.33 -6.98
CA HIS A 276 -5.98 -5.10 -6.21
C HIS A 276 -6.30 -5.39 -4.79
N SER A 277 -5.59 -4.72 -3.88
CA SER A 277 -5.89 -4.79 -2.46
C SER A 277 -6.38 -3.43 -1.96
N GLN A 278 -7.10 -3.45 -0.85
CA GLN A 278 -7.74 -2.28 -0.32
C GLN A 278 -7.94 -2.38 1.16
N ALA A 279 -7.43 -1.38 1.88
CA ALA A 279 -7.77 -1.13 3.26
C ALA A 279 -9.00 -0.23 3.35
N LEU A 280 -10.05 -0.72 4.00
CA LEU A 280 -11.30 -0.01 4.05
C LEU A 280 -11.54 0.44 5.45
N THR A 281 -11.96 1.68 5.60
CA THR A 281 -12.42 2.17 6.86
C THR A 281 -13.85 2.63 6.61
N VAL A 282 -14.79 1.93 7.23
CA VAL A 282 -16.20 2.06 6.88
C VAL A 282 -16.94 2.56 8.09
N LYS A 283 -17.67 3.67 7.92
CA LYS A 283 -18.56 4.18 8.95
C LYS A 283 -19.96 3.64 8.67
N LEU A 284 -20.57 3.04 9.68
CA LEU A 284 -21.92 2.47 9.59
C LEU A 284 -23.04 3.46 9.97
N ARG A 285 -24.25 3.18 9.54
CA ARG A 285 -25.41 4.01 9.94
C ARG A 285 -25.88 3.69 11.36
N GLN A 286 -25.52 2.52 11.86
CA GLN A 286 -25.82 2.16 13.23
C GLN A 286 -24.68 1.27 13.78
N LYS A 287 -24.57 1.26 15.09
CA LYS A 287 -23.53 0.49 15.75
C LYS A 287 -23.89 -0.97 15.70
N LEU A 288 -22.90 -1.77 15.34
CA LEU A 288 -23.05 -3.19 15.17
C LEU A 288 -21.89 -3.85 15.87
N THR A 289 -22.11 -4.99 16.50
CA THR A 289 -20.99 -5.74 17.03
C THR A 289 -20.10 -6.22 15.87
N ILE A 290 -18.89 -6.60 16.19
CA ILE A 290 -17.99 -7.00 15.15
C ILE A 290 -18.47 -8.32 14.55
N GLU A 291 -19.11 -9.16 15.34
CA GLU A 291 -19.65 -10.45 14.86
C GLU A 291 -20.85 -10.30 13.95
N GLU A 292 -21.62 -9.24 14.14
CA GLU A 292 -22.73 -8.95 13.25
C GLU A 292 -22.19 -8.49 11.89
N ILE A 293 -21.14 -7.69 11.93
CA ILE A 293 -20.49 -7.15 10.74
C ILE A 293 -19.91 -8.28 9.88
N LYS A 294 -19.23 -9.23 10.51
CA LYS A 294 -18.69 -10.37 9.76
C LYS A 294 -19.83 -11.16 9.18
N GLN A 295 -20.84 -11.43 9.97
CA GLN A 295 -22.00 -12.21 9.52
C GLN A 295 -22.54 -11.60 8.22
N LYS A 296 -23.00 -10.36 8.31
CA LYS A 296 -23.48 -9.63 7.14
C LYS A 296 -22.45 -9.73 5.95
N ILE A 297 -21.19 -9.42 6.20
CA ILE A 297 -20.18 -9.43 5.11
C ILE A 297 -20.16 -10.79 4.41
N SER A 298 -20.17 -11.83 5.25
CA SER A 298 -20.12 -13.22 4.79
C SER A 298 -21.30 -13.61 3.95
N GLN A 299 -22.43 -12.93 4.10
CA GLN A 299 -23.61 -13.23 3.29
C GLN A 299 -23.86 -12.28 2.09
N GLY A 300 -22.87 -11.50 1.68
CA GLY A 300 -23.07 -10.57 0.55
C GLY A 300 -23.23 -11.19 -0.82
N ASN A 301 -22.54 -12.30 -1.04
CA ASN A 301 -22.64 -13.07 -2.29
C ASN A 301 -21.78 -14.29 -2.15
N GLU A 302 -21.78 -15.13 -3.16
CA GLU A 302 -21.01 -16.37 -3.13
C GLU A 302 -19.48 -16.18 -3.33
N TRP A 303 -19.05 -15.00 -3.75
CA TRP A 303 -17.61 -14.79 -3.97
C TRP A 303 -16.87 -14.25 -2.77
N VAL A 304 -17.59 -13.57 -1.89
CA VAL A 304 -16.98 -13.07 -0.67
C VAL A 304 -16.36 -14.22 0.07
N LYS A 305 -15.15 -14.02 0.54
CA LYS A 305 -14.46 -15.06 1.25
C LYS A 305 -13.84 -14.44 2.48
N VAL A 306 -14.44 -14.71 3.63
CA VAL A 306 -13.95 -14.14 4.86
C VAL A 306 -12.71 -14.87 5.32
N ILE A 307 -11.72 -14.08 5.72
CA ILE A 307 -10.49 -14.60 6.23
C ILE A 307 -10.40 -14.19 7.67
N ASP A 308 -10.31 -15.18 8.55
CA ASP A 308 -10.32 -14.89 9.94
C ASP A 308 -9.13 -14.06 10.39
N ASN A 309 -9.38 -13.19 11.36
CA ASN A 309 -8.43 -12.20 11.80
C ASN A 309 -7.34 -12.75 12.69
N ASN A 310 -6.45 -13.53 12.09
CA ASN A 310 -5.24 -13.99 12.75
C ASN A 310 -4.12 -14.13 11.70
N LYS A 311 -2.89 -14.18 12.18
CA LYS A 311 -1.72 -14.06 11.32
C LYS A 311 -1.63 -15.15 10.29
N GLU A 312 -1.63 -16.39 10.75
CA GLU A 312 -1.43 -17.51 9.82
C GLU A 312 -2.40 -17.41 8.66
N ASP A 313 -3.67 -17.20 8.96
CA ASP A 313 -4.69 -17.19 7.92
C ASP A 313 -4.64 -15.92 7.05
N THR A 314 -4.26 -14.82 7.65
CA THR A 314 -4.15 -13.54 6.95
C THR A 314 -2.98 -13.58 5.96
N LEU A 315 -1.83 -14.01 6.43
CA LEU A 315 -0.67 -14.09 5.52
C LEU A 315 -0.85 -15.15 4.44
N LYS A 316 -1.53 -16.24 4.76
CA LYS A 316 -1.73 -17.27 3.76
C LYS A 316 -2.82 -16.95 2.73
N TYR A 317 -3.93 -16.38 3.18
CA TYR A 317 -5.05 -16.16 2.26
C TYR A 317 -5.40 -14.70 1.87
N LEU A 318 -5.03 -13.69 2.66
CA LEU A 318 -5.47 -12.30 2.38
C LEU A 318 -4.40 -11.54 1.62
N THR A 319 -3.97 -12.10 0.49
CA THR A 319 -2.91 -11.55 -0.28
C THR A 319 -3.12 -11.73 -1.77
N PRO A 320 -2.44 -10.91 -2.60
CA PRO A 320 -2.38 -11.05 -4.06
C PRO A 320 -1.91 -12.43 -4.53
N GLN A 321 -0.86 -12.92 -3.89
CA GLN A 321 -0.35 -14.27 -4.11
C GLN A 321 -1.50 -15.25 -4.01
N ALA A 322 -2.26 -15.13 -2.93
CA ALA A 322 -3.27 -16.14 -2.68
C ALA A 322 -4.43 -16.02 -3.63
N ASN A 323 -4.74 -14.80 -4.02
N ASN A 323 -4.77 -14.79 -4.00
CA ASN A 323 -6.02 -14.46 -4.68
CA ASN A 323 -6.07 -14.52 -4.67
C ASN A 323 -6.00 -14.35 -6.20
C ASN A 323 -6.01 -14.32 -6.19
N SER A 324 -4.82 -14.00 -6.73
CA SER A 324 -4.66 -13.82 -8.19
C SER A 324 -5.06 -15.05 -9.00
N GLY A 325 -5.75 -14.83 -10.12
CA GLY A 325 -6.32 -15.95 -10.85
C GLY A 325 -7.72 -16.40 -10.43
N THR A 326 -8.21 -16.01 -9.26
CA THR A 326 -9.46 -16.56 -8.72
C THR A 326 -10.56 -15.58 -8.71
N LEU A 327 -11.75 -16.09 -8.59
CA LEU A 327 -12.96 -15.25 -8.41
C LEU A 327 -13.22 -14.89 -6.93
N ASP A 328 -12.35 -15.30 -6.02
CA ASP A 328 -12.56 -14.99 -4.60
C ASP A 328 -12.36 -13.47 -4.36
N ILE A 329 -13.29 -12.91 -3.60
CA ILE A 329 -13.18 -11.58 -3.04
C ILE A 329 -12.75 -11.84 -1.60
N ALA A 330 -11.45 -11.90 -1.35
CA ALA A 330 -11.03 -12.12 0.01
C ALA A 330 -11.20 -10.83 0.85
N ILE A 331 -11.55 -10.99 2.10
CA ILE A 331 -11.70 -9.87 2.96
C ILE A 331 -11.43 -10.31 4.39
N GLY A 332 -10.57 -9.57 5.08
CA GLY A 332 -10.16 -9.92 6.41
C GLY A 332 -9.70 -8.74 7.22
N ARG A 333 -9.04 -9.03 8.33
CA ARG A 333 -8.63 -8.00 9.28
C ARG A 333 -9.83 -7.19 9.74
N ILE A 334 -10.97 -7.85 9.78
CA ILE A 334 -12.22 -7.18 10.13
C ILE A 334 -12.21 -6.88 11.61
N LYS A 335 -12.16 -5.60 11.96
CA LYS A 335 -12.05 -5.23 13.34
C LYS A 335 -12.78 -3.93 13.59
N SER A 336 -13.08 -3.74 14.85
CA SER A 336 -13.65 -2.51 15.30
C SER A 336 -12.56 -1.47 15.38
N SER A 337 -12.98 -0.22 15.53
CA SER A 337 -12.14 0.92 15.39
C SER A 337 -12.16 1.77 16.63
N LEU A 338 -11.01 2.39 16.94
CA LEU A 338 -10.87 3.38 17.99
C LEU A 338 -11.37 4.76 17.59
N LEU A 339 -11.61 4.94 16.33
CA LEU A 339 -11.98 6.26 15.81
C LEU A 339 -13.36 6.64 16.25
N ALA A 340 -14.26 5.68 16.18
CA ALA A 340 -15.65 5.89 16.57
C ALA A 340 -16.33 4.55 16.84
N ASP A 341 -17.32 4.54 17.72
CA ASP A 341 -18.11 3.30 17.98
C ASP A 341 -18.82 2.72 16.76
N ASP A 342 -19.05 3.52 15.71
CA ASP A 342 -19.70 3.03 14.49
C ASP A 342 -18.75 2.78 13.27
N ILE A 343 -17.45 2.87 13.46
CA ILE A 343 -16.51 2.65 12.35
C ILE A 343 -15.88 1.29 12.50
N PHE A 344 -15.76 0.54 11.41
CA PHE A 344 -14.92 -0.65 11.44
C PHE A 344 -13.88 -0.60 10.33
N HIS A 345 -12.89 -1.45 10.47
CA HIS A 345 -11.85 -1.60 9.45
C HIS A 345 -11.86 -3.00 8.90
N CYS A 346 -11.49 -3.13 7.65
CA CYS A 346 -11.14 -4.44 7.05
C CYS A 346 -10.20 -4.21 5.94
N PHE A 347 -9.69 -5.29 5.37
CA PHE A 347 -8.73 -5.30 4.23
C PHE A 347 -9.22 -6.35 3.25
N THR A 348 -9.30 -6.01 1.97
CA THR A 348 -9.75 -6.95 0.97
C THR A 348 -8.80 -7.04 -0.22
N VAL A 349 -8.89 -8.17 -0.89
CA VAL A 349 -8.12 -8.43 -2.06
C VAL A 349 -8.99 -9.14 -3.07
N GLY A 350 -8.93 -8.67 -4.32
CA GLY A 350 -9.55 -9.35 -5.46
C GLY A 350 -8.78 -9.18 -6.75
N ASP A 351 -9.11 -10.00 -7.74
CA ASP A 351 -8.42 -10.02 -9.01
C ASP A 351 -8.91 -8.95 -9.94
N GLN A 352 -8.01 -8.09 -10.38
CA GLN A 352 -8.36 -6.96 -11.23
C GLN A 352 -8.97 -7.37 -12.52
N LEU A 353 -8.41 -8.40 -13.15
CA LEU A 353 -8.81 -8.82 -14.49
C LEU A 353 -10.19 -9.48 -14.53
N LEU A 354 -10.55 -10.14 -13.45
CA LEU A 354 -11.73 -10.94 -13.46
C LEU A 354 -12.90 -10.10 -12.92
N TRP A 355 -13.11 -10.11 -11.63
CA TRP A 355 -14.19 -9.33 -11.06
C TRP A 355 -13.92 -7.85 -11.30
N GLY A 356 -12.66 -7.46 -11.27
CA GLY A 356 -12.30 -6.09 -11.65
C GLY A 356 -12.56 -5.67 -13.08
N ALA A 357 -12.48 -6.58 -14.06
CA ALA A 357 -12.72 -6.14 -15.45
C ALA A 357 -13.64 -7.05 -16.25
N ALA A 358 -13.23 -8.29 -16.46
CA ALA A 358 -13.87 -9.23 -17.40
C ALA A 358 -15.18 -9.83 -16.95
N GLU A 359 -15.24 -10.26 -15.71
CA GLU A 359 -16.37 -11.07 -15.24
C GLU A 359 -17.72 -10.36 -15.32
N PRO A 360 -17.77 -9.09 -14.92
CA PRO A 360 -19.09 -8.39 -14.95
C PRO A 360 -19.65 -8.25 -16.36
N LEU A 361 -18.74 -8.09 -17.30
CA LEU A 361 -19.07 -7.95 -18.69
C LEU A 361 -19.69 -9.24 -19.22
N ARG A 362 -18.95 -10.34 -19.05
CA ARG A 362 -19.44 -11.70 -19.38
C ARG A 362 -20.82 -11.98 -18.79
N ARG A 363 -21.02 -11.59 -17.55
CA ARG A 363 -22.28 -11.90 -16.89
C ARG A 363 -23.43 -11.07 -17.43
N VAL A 364 -23.18 -9.84 -17.86
CA VAL A 364 -24.27 -9.00 -18.35
C VAL A 364 -24.62 -9.43 -19.78
N LEU A 365 -23.62 -9.86 -20.52
CA LEU A 365 -23.87 -10.48 -21.82
C LEU A 365 -24.91 -11.57 -21.71
N ASN A 366 -24.74 -12.44 -20.71
CA ASN A 366 -25.65 -13.54 -20.44
C ASN A 366 -27.07 -13.07 -20.11
N ILE A 367 -27.17 -11.94 -19.45
CA ILE A 367 -28.44 -11.39 -19.08
C ILE A 367 -29.13 -10.83 -20.33
N ILE A 368 -28.36 -10.17 -21.18
CA ILE A 368 -28.88 -9.62 -22.44
C ILE A 368 -29.26 -10.72 -23.45
N LYS A 369 -28.51 -11.80 -23.52
CA LYS A 369 -28.79 -12.81 -24.55
C LYS A 369 -30.00 -13.73 -24.23
N ILE A 370 -30.11 -14.15 -22.97
CA ILE A 370 -31.29 -14.89 -22.51
C ILE A 370 -32.42 -13.93 -22.16
N HIS B 6 34.19 14.37 33.78
CA HIS B 6 35.15 15.13 32.93
C HIS B 6 34.79 15.18 31.42
N MET B 7 34.25 14.07 30.91
CA MET B 7 33.68 14.01 29.57
C MET B 7 32.71 12.87 29.73
N LEU B 8 31.67 12.79 28.91
CA LEU B 8 30.77 11.66 29.04
C LEU B 8 31.21 10.37 28.38
N LYS B 9 31.16 9.29 29.13
CA LYS B 9 31.51 7.99 28.58
C LYS B 9 30.25 7.38 28.01
N VAL B 10 30.24 7.22 26.69
CA VAL B 10 29.06 6.72 25.99
C VAL B 10 29.36 5.42 25.31
N GLY B 11 28.52 4.42 25.59
CA GLY B 11 28.68 3.08 25.05
C GLY B 11 27.63 2.82 23.99
N PHE B 12 28.02 2.13 22.93
CA PHE B 12 27.14 1.85 21.82
C PHE B 12 26.92 0.34 21.62
N ILE B 13 25.66 -0.08 21.76
CA ILE B 13 25.24 -1.44 21.39
C ILE B 13 24.31 -1.39 20.18
N GLY B 14 24.41 -2.35 19.27
CA GLY B 14 23.54 -2.39 18.09
C GLY B 14 24.12 -1.82 16.80
N TRP B 15 25.37 -1.35 16.88
CA TRP B 15 25.94 -0.50 15.81
C TRP B 15 26.24 -1.22 14.49
N ARG B 16 26.26 -2.55 14.51
CA ARG B 16 26.59 -3.34 13.33
C ARG B 16 25.43 -3.48 12.35
N GLY B 17 24.21 -3.42 12.88
CA GLY B 17 23.00 -3.56 12.06
C GLY B 17 22.63 -2.29 11.30
N MET B 18 21.41 -2.26 10.78
CA MET B 18 21.04 -1.19 9.83
C MET B 18 20.80 0.12 10.52
N VAL B 19 19.98 0.10 11.57
CA VAL B 19 19.66 1.32 12.30
C VAL B 19 21.00 1.86 12.81
N GLY B 20 21.78 0.94 13.36
CA GLY B 20 23.10 1.23 13.93
C GLY B 20 24.12 1.82 12.96
N SER B 21 24.16 1.34 11.73
CA SER B 21 25.05 1.97 10.74
C SER B 21 24.56 3.34 10.36
N VAL B 22 23.24 3.46 10.28
CA VAL B 22 22.67 4.72 9.88
C VAL B 22 22.93 5.75 10.99
N LEU B 23 22.94 5.29 12.22
CA LEU B 23 23.24 6.14 13.36
C LEU B 23 24.70 6.58 13.35
N MET B 24 25.62 5.63 13.21
CA MET B 24 27.03 5.92 13.06
C MET B 24 27.22 6.94 11.99
N SER B 25 26.68 6.66 10.82
CA SER B 25 26.87 7.60 9.72
C SER B 25 26.37 8.98 10.04
N ARG B 26 25.28 9.06 10.80
CA ARG B 26 24.66 10.35 11.07
C ARG B 26 25.47 11.10 12.12
N MET B 27 26.07 10.33 13.00
CA MET B 27 26.99 10.89 13.99
C MET B 27 28.29 11.42 13.38
N ILE B 28 28.90 10.67 12.46
CA ILE B 28 30.12 11.14 11.81
C ILE B 28 29.83 12.51 11.18
N GLU B 29 28.82 12.50 10.33
CA GLU B 29 28.34 13.67 9.56
C GLU B 29 28.07 14.92 10.41
N SER B 30 27.59 14.70 11.65
CA SER B 30 27.19 15.77 12.59
C SER B 30 28.26 16.10 13.63
N LYS B 31 29.40 15.41 13.56
CA LYS B 31 30.50 15.57 14.56
C LYS B 31 29.99 15.28 15.98
N ASP B 32 29.08 14.32 16.09
CA ASP B 32 28.54 13.96 17.41
C ASP B 32 29.48 13.14 18.31
N PHE B 33 30.60 12.65 17.78
CA PHE B 33 31.64 12.06 18.67
C PHE B 33 32.53 13.10 19.35
N ASP B 34 32.48 14.35 18.91
CA ASP B 34 33.44 15.36 19.37
C ASP B 34 33.65 15.47 20.88
N CYS B 35 32.59 15.39 21.67
CA CYS B 35 32.72 15.70 23.11
C CYS B 35 32.30 14.58 24.02
N ILE B 36 32.63 13.37 23.62
CA ILE B 36 32.29 12.18 24.36
C ILE B 36 33.41 11.17 24.22
N LEU B 37 33.42 10.19 25.12
CA LEU B 37 34.38 9.08 25.04
C LEU B 37 33.67 7.80 24.60
N PRO B 38 33.61 7.56 23.29
CA PRO B 38 32.83 6.42 22.87
C PRO B 38 33.45 5.10 23.26
N THR B 39 32.61 4.11 23.50
CA THR B 39 33.03 2.75 23.67
C THR B 39 32.06 1.88 22.91
N PHE B 40 32.57 0.91 22.18
CA PHE B 40 31.79 0.14 21.25
C PHE B 40 31.65 -1.29 21.71
N PHE B 41 30.42 -1.68 22.03
CA PHE B 41 30.13 -2.99 22.59
C PHE B 41 29.72 -3.99 21.55
N SER B 42 29.99 -5.24 21.87
CA SER B 42 29.86 -6.28 20.88
C SER B 42 29.52 -7.59 21.54
N THR B 43 29.05 -8.49 20.70
CA THR B 43 28.79 -9.85 21.16
C THR B 43 29.58 -10.86 20.35
N SER B 44 30.65 -10.46 19.71
CA SER B 44 31.48 -11.49 19.09
C SER B 44 32.95 -11.21 19.20
N GLN B 45 33.42 -10.24 18.44
CA GLN B 45 34.85 -10.03 18.32
C GLN B 45 35.37 -9.16 19.44
N VAL B 46 35.10 -9.58 20.67
CA VAL B 46 35.48 -8.76 21.79
C VAL B 46 36.99 -8.76 21.90
N GLY B 47 37.55 -7.62 22.29
CA GLY B 47 39.00 -7.47 22.43
C GLY B 47 39.66 -7.17 21.10
N GLN B 48 38.86 -7.21 20.04
CA GLN B 48 39.33 -6.96 18.70
C GLN B 48 39.22 -5.49 18.41
N LEU B 49 40.11 -5.03 17.55
CA LEU B 49 40.05 -3.70 17.01
C LEU B 49 39.11 -3.75 15.83
N PRO B 50 37.96 -3.07 15.94
CA PRO B 50 37.08 -3.08 14.79
C PRO B 50 37.72 -2.33 13.61
N THR B 51 37.28 -2.65 12.41
CA THR B 51 37.73 -1.85 11.27
C THR B 51 36.85 -0.60 11.17
N GLY B 52 37.31 0.36 10.38
CA GLY B 52 36.59 1.62 10.25
C GLY B 52 36.94 2.58 11.38
N PHE B 53 36.19 3.67 11.46
CA PHE B 53 36.54 4.73 12.38
C PHE B 53 36.52 4.27 13.84
N MET B 54 35.62 3.34 14.18
CA MET B 54 35.52 2.82 15.56
C MET B 54 36.89 2.42 16.10
N GLN B 55 37.76 2.04 15.20
CA GLN B 55 39.17 1.78 15.52
C GLN B 55 39.81 2.76 16.51
N GLN B 56 39.51 4.05 16.33
CA GLN B 56 40.15 5.13 17.12
C GLN B 56 39.70 5.18 18.59
N TYR B 57 38.67 4.42 18.92
CA TYR B 57 38.14 4.41 20.29
C TYR B 57 38.60 3.16 21.03
N GLY B 58 39.31 2.30 20.31
CA GLY B 58 39.95 1.13 20.90
C GLY B 58 39.27 -0.19 20.65
N ALA B 59 39.37 -1.08 21.62
CA ALA B 59 38.90 -2.45 21.49
C ALA B 59 37.43 -2.58 21.80
N LEU B 60 36.81 -3.57 21.16
CA LEU B 60 35.40 -3.85 21.42
C LEU B 60 35.25 -4.50 22.77
N GLN B 61 34.36 -3.94 23.59
CA GLN B 61 34.04 -4.52 24.87
C GLN B 61 32.84 -5.46 24.72
N ASP B 62 32.53 -6.17 25.80
CA ASP B 62 31.49 -7.22 25.81
C ASP B 62 30.10 -6.65 26.13
N ALA B 63 29.16 -6.87 25.20
CA ALA B 63 27.79 -6.38 25.32
C ALA B 63 27.13 -6.89 26.59
N TYR B 64 27.40 -8.14 26.92
CA TYR B 64 26.80 -8.83 28.07
C TYR B 64 27.59 -8.68 29.38
N SER B 65 28.78 -8.09 29.31
CA SER B 65 29.51 -7.85 30.54
C SER B 65 28.85 -6.70 31.25
N ILE B 66 28.35 -6.98 32.44
CA ILE B 66 27.62 -6.01 33.26
C ILE B 66 28.55 -4.98 33.93
N ASP B 67 29.82 -5.34 34.08
CA ASP B 67 30.76 -4.43 34.74
C ASP B 67 31.17 -3.33 33.79
N GLN B 68 31.50 -3.74 32.57
CA GLN B 68 32.01 -2.82 31.54
C GLN B 68 30.93 -1.82 31.16
N LEU B 69 29.70 -2.31 30.99
CA LEU B 69 28.56 -1.45 30.69
C LEU B 69 28.32 -0.42 31.81
N SER B 70 28.44 -0.88 33.05
CA SER B 70 28.25 -0.03 34.25
C SER B 70 29.08 1.24 34.31
N SER B 71 30.25 1.23 33.71
CA SER B 71 31.13 2.41 33.75
C SER B 71 30.71 3.51 32.76
N MET B 72 29.94 3.15 31.73
CA MET B 72 29.42 4.15 30.79
C MET B 72 28.39 5.06 31.49
N ASP B 73 28.48 6.35 31.22
CA ASP B 73 27.52 7.34 31.68
C ASP B 73 26.17 7.22 30.95
N ILE B 74 26.27 6.74 29.72
CA ILE B 74 25.16 6.64 28.79
C ILE B 74 25.39 5.45 27.89
N LEU B 75 24.35 4.64 27.72
CA LEU B 75 24.38 3.54 26.78
C LEU B 75 23.29 3.73 25.75
N LEU B 76 23.60 3.38 24.51
CA LEU B 76 22.68 3.57 23.40
C LEU B 76 22.53 2.28 22.59
N SER B 77 21.35 1.68 22.66
CA SER B 77 21.14 0.33 22.08
C SER B 77 20.24 0.38 20.83
N CYS B 78 20.75 -0.19 19.75
CA CYS B 78 19.95 -0.55 18.60
C CYS B 78 19.87 -2.07 18.52
N GLN B 79 20.10 -2.73 19.65
CA GLN B 79 20.32 -4.16 19.64
C GLN B 79 19.01 -4.91 19.41
N GLY B 80 17.99 -4.52 20.16
CA GLY B 80 16.70 -5.21 20.11
C GLY B 80 16.14 -5.42 21.51
N GLY B 81 14.87 -5.83 21.54
CA GLY B 81 14.16 -6.10 22.78
C GLY B 81 14.62 -7.34 23.54
N GLU B 82 15.08 -8.37 22.83
CA GLU B 82 15.65 -9.56 23.52
C GLU B 82 16.84 -9.14 24.37
N TYR B 83 17.61 -8.21 23.86
CA TYR B 83 18.81 -7.72 24.53
C TYR B 83 18.45 -6.76 25.61
N THR B 84 17.50 -5.89 25.37
CA THR B 84 17.06 -4.97 26.41
C THR B 84 16.48 -5.78 27.55
N LYS B 85 15.79 -6.86 27.21
CA LYS B 85 15.19 -7.74 28.18
C LYS B 85 16.18 -8.48 29.04
N GLU B 86 17.24 -8.95 28.42
CA GLU B 86 18.27 -9.64 29.15
C GLU B 86 18.94 -8.68 30.12
N ILE B 87 19.18 -7.47 29.67
CA ILE B 87 20.28 -6.70 30.24
C ILE B 87 19.94 -5.44 30.96
N HIS B 88 18.88 -4.77 30.53
CA HIS B 88 18.57 -3.49 31.12
C HIS B 88 18.25 -3.63 32.61
N HIS B 89 17.49 -4.66 32.97
CA HIS B 89 17.09 -4.87 34.37
C HIS B 89 18.28 -5.22 35.27
N LYS B 90 19.20 -6.04 34.75
CA LYS B 90 20.45 -6.38 35.46
C LYS B 90 21.28 -5.16 35.83
N LEU B 91 21.33 -4.18 34.94
CA LEU B 91 22.02 -2.92 35.19
C LEU B 91 21.38 -2.11 36.29
N ARG B 92 20.05 -1.99 36.28
CA ARG B 92 19.39 -1.18 37.33
C ARG B 92 19.47 -1.93 38.65
N GLU B 93 19.22 -3.24 38.59
CA GLU B 93 19.43 -4.18 39.72
C GLU B 93 20.84 -4.10 40.31
N ALA B 94 21.82 -3.84 39.44
CA ALA B 94 23.22 -3.69 39.85
C ALA B 94 23.61 -2.23 40.14
N GLY B 95 22.62 -1.37 40.44
CA GLY B 95 22.85 0.01 40.91
C GLY B 95 23.03 1.12 39.86
N TRP B 96 23.36 0.75 38.62
CA TRP B 96 23.72 1.73 37.57
C TRP B 96 22.62 2.77 37.36
N GLN B 97 22.93 4.06 37.52
CA GLN B 97 21.94 5.14 37.33
C GLN B 97 22.17 6.05 36.11
N GLY B 98 22.78 5.50 35.06
CA GLY B 98 23.01 6.25 33.85
C GLY B 98 21.84 6.21 32.87
N PHE B 99 21.98 6.98 31.80
CA PHE B 99 20.94 7.09 30.77
C PHE B 99 20.96 5.94 29.79
N TRP B 100 19.78 5.38 29.60
CA TRP B 100 19.58 4.28 28.67
C TRP B 100 18.72 4.83 27.54
N ILE B 101 19.34 4.96 26.37
CA ILE B 101 18.64 5.39 25.16
C ILE B 101 18.45 4.12 24.34
N ASP B 102 17.22 3.85 23.93
CA ASP B 102 16.93 2.56 23.28
C ASP B 102 15.98 2.70 22.09
N ALA B 103 16.27 1.90 21.06
CA ALA B 103 15.36 1.77 19.88
C ALA B 103 14.23 0.76 20.07
N ALA B 104 14.52 -0.30 20.78
CA ALA B 104 13.56 -1.38 20.95
C ALA B 104 12.33 -0.86 21.71
N SER B 105 11.24 -1.61 21.63
CA SER B 105 9.93 -1.14 22.12
C SER B 105 9.59 -1.53 23.54
N THR B 106 10.47 -2.34 24.11
CA THR B 106 10.25 -3.01 25.38
C THR B 106 9.82 -2.04 26.47
N LEU B 107 10.58 -0.97 26.58
CA LEU B 107 10.37 -0.01 27.65
C LEU B 107 9.43 1.15 27.30
N ARG B 108 8.89 1.18 26.08
CA ARG B 108 8.16 2.37 25.58
C ARG B 108 7.10 2.94 26.48
N LEU B 109 6.37 2.06 27.17
CA LEU B 109 5.16 2.48 27.90
C LEU B 109 5.27 2.44 29.44
N ASP B 110 6.46 2.20 29.99
CA ASP B 110 6.65 2.34 31.45
C ASP B 110 6.48 3.79 31.83
N LYS B 111 5.96 4.04 33.02
CA LYS B 111 5.81 5.42 33.51
C LYS B 111 7.18 6.12 33.60
N ASP B 112 8.21 5.36 33.94
CA ASP B 112 9.58 5.89 34.04
C ASP B 112 10.19 6.28 32.68
N SER B 113 9.75 5.62 31.61
CA SER B 113 10.26 5.89 30.26
C SER B 113 9.67 7.19 29.69
N THR B 114 10.46 7.85 28.86
CA THR B 114 10.04 8.97 28.02
C THR B 114 10.27 8.58 26.56
N LEU B 115 9.23 8.73 25.75
CA LEU B 115 9.34 8.44 24.32
C LEU B 115 9.95 9.66 23.68
N VAL B 116 10.95 9.48 22.80
CA VAL B 116 11.64 10.64 22.23
C VAL B 116 11.30 10.95 20.76
N LEU B 117 10.84 12.18 20.55
CA LEU B 117 10.70 12.72 19.21
C LEU B 117 10.72 14.24 19.36
N ASP B 118 11.92 14.78 19.43
CA ASP B 118 12.15 16.10 20.01
C ASP B 118 11.57 17.27 19.19
N PRO B 119 11.37 17.11 17.88
CA PRO B 119 10.63 18.20 17.22
C PRO B 119 9.19 18.33 17.72
N LEU B 120 8.73 17.37 18.52
CA LEU B 120 7.37 17.44 19.10
C LEU B 120 7.33 17.51 20.64
N ASN B 121 8.30 16.91 21.31
CA ASN B 121 8.25 16.83 22.76
C ASN B 121 9.59 17.11 23.36
N HIS B 122 10.35 17.99 22.75
CA HIS B 122 11.60 18.39 23.34
C HIS B 122 11.43 18.91 24.80
N ASP B 123 10.46 19.80 25.00
CA ASP B 123 10.23 20.38 26.36
C ASP B 123 10.03 19.32 27.45
N GLN B 124 9.61 18.15 27.04
CA GLN B 124 9.32 17.08 27.96
C GLN B 124 10.53 16.25 28.21
N ILE B 125 11.36 16.07 27.19
CA ILE B 125 12.59 15.33 27.39
C ILE B 125 13.37 16.07 28.46
N ILE B 126 13.44 17.37 28.30
CA ILE B 126 14.19 18.19 29.23
C ILE B 126 13.63 18.08 30.64
N ASN B 127 12.31 18.09 30.74
CA ASN B 127 11.66 17.99 32.05
C ASN B 127 11.94 16.64 32.72
N ALA B 128 12.09 15.61 31.90
CA ALA B 128 12.32 14.26 32.37
C ALA B 128 13.75 14.10 32.89
N ILE B 129 14.71 14.54 32.08
CA ILE B 129 16.12 14.51 32.46
C ILE B 129 16.22 15.27 33.78
N ASP B 130 15.64 16.47 33.78
CA ASP B 130 15.57 17.34 34.96
C ASP B 130 15.01 16.63 36.20
N ASN B 131 14.01 15.77 36.02
CA ASN B 131 13.37 15.13 37.17
C ASN B 131 14.03 13.80 37.55
N GLY B 132 15.26 13.62 37.09
CA GLY B 132 16.05 12.44 37.41
C GLY B 132 15.59 11.18 36.70
N LYS B 133 14.93 11.35 35.56
CA LYS B 133 14.54 10.21 34.72
C LYS B 133 15.68 9.84 33.80
N LYS B 134 15.83 8.54 33.56
CA LYS B 134 17.00 8.01 32.87
C LYS B 134 16.72 7.16 31.63
N ASP B 135 15.45 6.91 31.33
CA ASP B 135 15.10 6.00 30.21
C ASP B 135 14.38 6.70 29.07
N PHE B 136 15.03 6.71 27.91
CA PHE B 136 14.59 7.46 26.75
C PHE B 136 14.55 6.57 25.53
N ILE B 137 13.32 6.32 25.07
CA ILE B 137 13.05 5.27 24.10
C ILE B 137 12.47 5.85 22.80
N GLY B 138 13.00 5.38 21.67
CA GLY B 138 12.51 5.79 20.36
C GLY B 138 11.17 5.13 20.11
N SER B 139 10.26 5.84 19.46
CA SER B 139 8.91 5.31 19.21
C SER B 139 8.95 4.45 17.97
N ASN B 140 7.84 3.76 17.73
CA ASN B 140 7.66 2.97 16.53
C ASN B 140 7.72 3.89 15.31
N CYS B 141 8.29 3.36 14.25
CA CYS B 141 8.59 4.14 13.06
C CYS B 141 7.33 4.79 12.43
N THR B 142 6.21 4.08 12.44
CA THR B 142 4.97 4.60 11.89
C THR B 142 4.52 5.86 12.65
N VAL B 143 4.68 5.84 13.96
CA VAL B 143 4.29 6.98 14.79
C VAL B 143 5.24 8.17 14.54
N SER B 144 6.53 7.86 14.43
CA SER B 144 7.50 8.90 14.27
C SER B 144 7.30 9.61 12.98
N LEU B 145 7.00 8.84 11.96
CA LEU B 145 6.94 9.38 10.62
C LEU B 145 5.66 10.13 10.38
N MET B 146 4.59 9.69 11.02
CA MET B 146 3.29 10.31 10.86
C MET B 146 3.27 11.63 11.59
N SER B 147 3.71 11.58 12.83
CA SER B 147 3.61 12.71 13.72
C SER B 147 4.40 13.86 13.17
N LEU B 148 5.60 13.57 12.65
CA LEU B 148 6.42 14.59 11.96
C LEU B 148 5.74 15.18 10.73
N ALA B 149 5.05 14.37 9.96
CA ALA B 149 4.43 14.86 8.73
C ALA B 149 3.29 15.85 9.04
N ILE B 150 2.43 15.50 10.00
CA ILE B 150 1.33 16.40 10.37
C ILE B 150 1.59 17.12 11.71
N ALA B 151 2.88 17.29 12.02
CA ALA B 151 3.28 17.96 13.24
C ALA B 151 2.61 19.33 13.43
N GLY B 152 2.46 20.05 12.34
CA GLY B 152 2.00 21.43 12.36
C GLY B 152 0.53 21.53 12.71
N LEU B 153 -0.20 20.45 12.49
CA LEU B 153 -1.57 20.32 12.99
C LEU B 153 -1.62 19.81 14.45
N LEU B 154 -0.68 18.94 14.82
CA LEU B 154 -0.71 18.35 16.16
C LEU B 154 -0.33 19.37 17.24
N LYS B 155 0.66 20.18 16.93
CA LYS B 155 1.10 21.25 17.83
C LYS B 155 -0.06 22.18 18.17
N GLU B 156 -0.89 22.52 17.19
CA GLU B 156 -2.05 23.36 17.45
C GLU B 156 -3.24 22.58 18.00
N ASP B 157 -3.02 21.33 18.41
CA ASP B 157 -4.08 20.47 18.87
C ASP B 157 -5.30 20.51 17.95
N LEU B 158 -5.07 20.47 16.64
CA LEU B 158 -6.17 20.54 15.66
C LEU B 158 -6.70 19.18 15.19
N VAL B 159 -6.05 18.09 15.59
CA VAL B 159 -6.40 16.78 15.06
C VAL B 159 -7.26 16.04 16.07
N GLU B 160 -8.44 15.62 15.62
CA GLU B 160 -9.43 14.87 16.43
C GLU B 160 -9.16 13.37 16.35
N TRP B 161 -8.95 12.85 15.13
CA TRP B 161 -8.36 11.52 14.91
C TRP B 161 -7.64 11.33 13.58
N VAL B 162 -6.93 10.20 13.45
CA VAL B 162 -6.19 9.80 12.25
C VAL B 162 -6.38 8.35 11.82
N ASN B 163 -6.91 8.12 10.63
CA ASN B 163 -6.80 6.81 10.02
C ASN B 163 -5.51 6.77 9.21
N SER B 164 -4.65 5.78 9.48
CA SER B 164 -3.49 5.51 8.64
C SER B 164 -3.51 4.12 8.03
N SER B 165 -3.29 4.04 6.72
CA SER B 165 -3.04 2.77 6.01
C SER B 165 -1.57 2.81 5.54
N THR B 166 -0.75 1.88 6.01
CA THR B 166 0.65 1.96 5.77
C THR B 166 1.07 0.97 4.71
N TYR B 167 2.21 1.31 4.13
CA TYR B 167 2.81 0.62 3.01
C TYR B 167 4.23 0.58 3.49
N GLN B 168 4.49 -0.39 4.34
CA GLN B 168 5.73 -0.47 5.07
C GLN B 168 6.83 -1.31 4.47
N ALA B 169 8.03 -0.76 4.50
CA ALA B 169 9.20 -1.37 3.87
C ALA B 169 9.84 -2.44 4.77
N ILE B 170 10.65 -3.26 4.12
CA ILE B 170 11.09 -4.47 4.75
C ILE B 170 12.14 -4.15 5.78
N SER B 171 12.79 -3.00 5.69
CA SER B 171 13.90 -2.69 6.62
C SER B 171 13.52 -2.73 8.06
N GLY B 172 12.29 -2.39 8.37
CA GLY B 172 11.82 -2.40 9.76
C GLY B 172 11.87 -3.79 10.38
N ALA B 173 11.92 -4.80 9.52
CA ALA B 173 12.00 -6.20 9.93
C ALA B 173 13.42 -6.69 10.14
N GLY B 174 14.42 -5.88 9.79
CA GLY B 174 15.84 -6.25 9.93
C GLY B 174 16.55 -6.59 8.62
N ALA B 175 17.88 -6.74 8.69
CA ALA B 175 18.75 -6.94 7.49
C ALA B 175 18.64 -8.29 6.77
N ALA B 176 18.28 -9.34 7.48
CA ALA B 176 18.12 -10.65 6.83
C ALA B 176 16.77 -10.70 6.08
N ALA B 177 15.76 -10.06 6.65
CA ALA B 177 14.44 -9.98 5.96
C ALA B 177 14.59 -9.27 4.60
N MET B 178 15.39 -8.21 4.59
CA MET B 178 15.66 -7.43 3.37
C MET B 178 16.41 -8.24 2.36
N GLN B 179 17.44 -8.90 2.86
CA GLN B 179 18.22 -9.83 2.04
C GLN B 179 17.28 -10.86 1.44
N GLU B 180 16.43 -11.43 2.28
CA GLU B 180 15.42 -12.39 1.77
C GLU B 180 14.62 -11.77 0.62
N LEU B 181 14.07 -10.57 0.83
CA LEU B 181 13.23 -9.93 -0.18
C LEU B 181 14.00 -9.80 -1.47
N LEU B 182 15.23 -9.29 -1.36
CA LEU B 182 16.08 -9.12 -2.57
C LEU B 182 16.27 -10.45 -3.25
N GLN B 183 16.44 -11.49 -2.46
CA GLN B 183 16.70 -12.81 -3.02
C GLN B 183 15.47 -13.46 -3.67
N GLN B 184 14.34 -13.42 -2.97
CA GLN B 184 13.08 -13.85 -3.59
C GLN B 184 12.98 -13.24 -4.99
N THR B 185 13.15 -11.94 -5.06
CA THR B 185 12.99 -11.19 -6.30
C THR B 185 14.01 -11.60 -7.38
N SER B 186 15.21 -11.93 -6.91
CA SER B 186 16.28 -12.37 -7.79
C SER B 186 15.93 -13.68 -8.45
N LEU B 187 15.57 -14.65 -7.61
CA LEU B 187 15.21 -15.99 -8.10
C LEU B 187 14.01 -16.01 -9.04
N LEU B 188 12.94 -15.32 -8.65
CA LEU B 188 11.78 -15.17 -9.51
C LEU B 188 12.14 -14.51 -10.82
N SER B 189 13.06 -13.57 -10.79
CA SER B 189 13.50 -12.91 -12.02
C SER B 189 14.21 -13.86 -12.96
N LYS B 190 14.94 -14.83 -12.39
CA LYS B 190 15.68 -15.78 -13.22
C LYS B 190 14.73 -16.68 -13.95
N ILE B 191 13.80 -17.30 -13.22
CA ILE B 191 12.83 -18.17 -13.87
C ILE B 191 11.97 -17.45 -14.91
N ASP B 192 11.76 -16.15 -14.77
CA ASP B 192 10.82 -15.44 -15.66
C ASP B 192 11.39 -15.29 -17.08
N ASN B 193 10.56 -15.69 -18.04
CA ASN B 193 10.88 -15.72 -19.46
C ASN B 193 10.08 -14.67 -20.26
N ARG B 194 10.80 -13.77 -20.91
CA ARG B 194 10.22 -12.69 -21.72
C ARG B 194 9.38 -13.19 -22.89
N ASP B 195 9.77 -14.32 -23.46
CA ASP B 195 9.10 -14.87 -24.66
C ASP B 195 7.77 -15.55 -24.38
N GLU B 196 7.57 -15.97 -23.14
CA GLU B 196 6.31 -16.60 -22.75
C GLU B 196 5.17 -15.56 -22.70
N ASP B 197 3.94 -16.02 -22.89
CA ASP B 197 2.76 -15.13 -22.82
C ASP B 197 2.65 -14.48 -21.42
N ILE B 198 2.31 -13.19 -21.42
CA ILE B 198 2.29 -12.40 -20.17
C ILE B 198 1.48 -13.00 -19.00
N LEU B 199 0.30 -13.54 -19.28
CA LEU B 199 -0.52 -14.12 -18.18
C LEU B 199 0.04 -15.43 -17.69
N ILE B 200 0.75 -16.11 -18.58
CA ILE B 200 1.41 -17.36 -18.19
C ILE B 200 2.63 -17.07 -17.30
N ARG B 201 3.32 -15.97 -17.62
CA ARG B 201 4.48 -15.59 -16.79
C ARG B 201 4.04 -15.28 -15.38
N GLU B 202 2.96 -14.54 -15.27
CA GLU B 202 2.40 -14.12 -13.98
C GLU B 202 2.08 -15.39 -13.20
N LYS B 203 1.46 -16.33 -13.87
CA LYS B 203 1.11 -17.61 -13.26
C LYS B 203 2.32 -18.37 -12.74
N ILE B 204 3.36 -18.43 -13.57
CA ILE B 204 4.61 -19.12 -13.25
C ILE B 204 5.28 -18.54 -12.03
N LEU B 205 5.35 -17.21 -11.98
CA LEU B 205 5.94 -16.52 -10.81
C LEU B 205 5.10 -16.81 -9.59
N ARG B 206 3.79 -16.65 -9.78
CA ARG B 206 2.85 -16.84 -8.69
C ARG B 206 3.01 -18.22 -8.06
N GLU B 207 3.00 -19.27 -8.87
CA GLU B 207 3.15 -20.63 -8.34
C GLU B 207 4.53 -20.85 -7.72
N LEU B 208 5.57 -20.33 -8.36
CA LEU B 208 6.94 -20.47 -7.80
C LEU B 208 7.03 -19.76 -6.43
N SER B 209 6.43 -18.57 -6.33
CA SER B 209 6.52 -17.78 -5.10
C SER B 209 6.05 -18.57 -3.88
N LYS B 210 5.08 -19.45 -4.10
CA LYS B 210 4.49 -20.29 -3.04
C LYS B 210 5.30 -21.50 -2.59
N ASP B 211 6.31 -21.90 -3.35
CA ASP B 211 7.17 -23.03 -2.96
C ASP B 211 8.32 -22.62 -2.01
N SER B 212 8.15 -22.94 -0.72
CA SER B 212 9.15 -22.58 0.29
C SER B 212 10.48 -23.31 0.17
N SER B 213 10.54 -24.32 -0.68
CA SER B 213 11.79 -25.03 -0.90
C SER B 213 12.56 -24.50 -2.11
N LYS B 214 11.93 -23.62 -2.87
CA LYS B 214 12.56 -22.98 -4.04
C LYS B 214 12.83 -21.51 -3.76
N ILE B 215 11.87 -20.89 -3.08
CA ILE B 215 11.90 -19.49 -2.78
C ILE B 215 11.88 -19.30 -1.29
N PRO B 216 12.99 -18.85 -0.71
CA PRO B 216 13.07 -18.73 0.73
C PRO B 216 12.12 -17.69 1.28
N GLN B 217 11.33 -18.07 2.27
CA GLN B 217 10.29 -17.21 2.78
C GLN B 217 10.06 -17.35 4.28
N GLN B 218 11.02 -17.91 5.00
CA GLN B 218 10.82 -18.09 6.43
C GLN B 218 10.84 -16.76 7.16
N LYS B 219 11.73 -15.87 6.72
CA LYS B 219 11.88 -14.56 7.35
C LYS B 219 10.67 -13.66 7.13
N THR B 220 10.10 -13.69 5.94
CA THR B 220 8.90 -12.92 5.61
C THR B 220 7.68 -13.80 5.73
N VAL B 221 7.89 -15.06 6.10
CA VAL B 221 6.79 -16.01 6.33
C VAL B 221 6.12 -16.46 5.04
N GLN B 222 5.80 -15.49 4.18
CA GLN B 222 5.40 -15.75 2.78
C GLN B 222 6.26 -14.91 1.88
N THR B 223 6.24 -15.20 0.60
CA THR B 223 6.97 -14.38 -0.32
C THR B 223 6.40 -12.94 -0.35
N LEU B 224 7.27 -11.96 -0.15
CA LEU B 224 6.89 -10.54 -0.21
C LEU B 224 6.99 -9.97 -1.63
N ALA B 225 7.88 -10.51 -2.43
CA ALA B 225 8.04 -10.02 -3.82
C ALA B 225 6.76 -10.22 -4.63
N TYR B 226 6.39 -9.20 -5.40
CA TYR B 226 5.10 -9.14 -6.13
C TYR B 226 3.95 -9.46 -5.20
N ASN B 227 4.07 -9.01 -3.95
CA ASN B 227 3.07 -9.33 -3.00
C ASN B 227 2.92 -8.23 -1.97
N LEU B 228 2.01 -8.44 -1.04
CA LEU B 228 1.93 -7.57 0.14
C LEU B 228 1.36 -8.36 1.33
N LEU B 229 1.73 -7.96 2.54
CA LEU B 229 1.40 -8.73 3.73
C LEU B 229 0.69 -7.86 4.79
N PRO B 230 -0.65 -7.96 4.84
CA PRO B 230 -1.40 -7.10 5.73
C PRO B 230 -1.47 -7.62 7.16
N TRP B 231 -0.32 -8.09 7.65
CA TRP B 231 -0.13 -8.41 9.07
C TRP B 231 1.30 -8.15 9.50
N ILE B 232 1.47 -7.23 10.46
CA ILE B 232 2.77 -6.93 11.03
C ILE B 232 2.73 -7.10 12.53
N ASP B 233 3.58 -8.00 13.03
CA ASP B 233 3.76 -8.22 14.47
C ASP B 233 2.68 -9.16 15.11
N VAL B 234 2.46 -9.03 16.41
CA VAL B 234 1.72 -10.03 17.19
C VAL B 234 0.21 -9.68 17.23
N GLY B 235 -0.62 -10.71 17.38
CA GLY B 235 -2.06 -10.54 17.47
C GLY B 235 -2.43 -9.86 18.76
N MET B 236 -3.33 -8.90 18.68
CA MET B 236 -3.92 -8.31 19.89
C MET B 236 -5.37 -8.81 20.03
N PRO B 237 -5.90 -8.86 21.26
CA PRO B 237 -7.30 -9.30 21.43
C PRO B 237 -8.34 -8.33 20.87
N SER B 238 -7.98 -7.05 20.72
CA SER B 238 -8.84 -6.04 20.07
C SER B 238 -9.12 -6.30 18.57
N GLY B 239 -8.24 -7.06 17.92
CA GLY B 239 -8.31 -7.30 16.46
C GLY B 239 -7.10 -6.71 15.73
N GLN B 240 -6.44 -5.77 16.39
CA GLN B 240 -5.25 -5.10 15.84
C GLN B 240 -4.04 -6.02 15.89
N THR B 241 -3.05 -5.74 15.06
CA THR B 241 -1.74 -6.29 15.31
C THR B 241 -1.09 -5.39 16.34
N LYS B 242 0.03 -5.85 16.89
CA LYS B 242 0.74 -5.04 17.90
C LYS B 242 1.25 -3.77 17.22
N GLU B 243 1.68 -3.91 15.96
CA GLU B 243 2.12 -2.79 15.13
C GLU B 243 1.14 -1.64 15.09
N GLU B 244 -0.14 -2.01 14.99
CA GLU B 244 -1.28 -1.07 14.86
C GLU B 244 -1.73 -0.45 16.20
N TYR B 245 -1.78 -1.25 17.26
CA TYR B 245 -2.08 -0.73 18.60
C TYR B 245 -0.99 0.29 19.07
N LYS B 246 0.27 0.07 18.68
CA LYS B 246 1.37 0.99 19.05
C LYS B 246 1.06 2.41 18.66
N ALA B 247 0.43 2.58 17.50
CA ALA B 247 0.19 3.91 17.01
C ALA B 247 -0.48 4.82 18.05
N ALA B 248 -1.66 4.48 18.52
CA ALA B 248 -2.46 5.46 19.29
C ALA B 248 -1.78 5.81 20.61
N THR B 249 -1.31 4.81 21.31
CA THR B 249 -0.79 4.96 22.68
C THR B 249 0.51 5.71 22.73
N GLU B 250 1.37 5.43 21.76
CA GLU B 250 2.67 6.13 21.60
C GLU B 250 2.49 7.61 21.19
N LEU B 251 1.64 7.85 20.21
CA LEU B 251 1.31 9.22 19.81
C LEU B 251 0.81 10.03 21.00
N ASN B 252 -0.11 9.46 21.76
CA ASN B 252 -0.63 10.16 22.96
C ASN B 252 0.41 10.29 24.07
N LYS B 253 1.29 9.30 24.20
CA LYS B 253 2.40 9.45 25.15
C LYS B 253 3.35 10.57 24.69
N ILE B 254 3.65 10.65 23.39
CA ILE B 254 4.58 11.66 22.89
C ILE B 254 4.03 13.04 23.08
N LEU B 255 2.76 13.21 22.76
CA LEU B 255 2.10 14.53 22.90
C LEU B 255 1.63 14.79 24.35
N ASP B 256 1.65 13.75 25.19
CA ASP B 256 1.02 13.75 26.53
C ASP B 256 -0.29 14.47 26.48
N THR B 257 -1.23 13.88 25.81
CA THR B 257 -2.53 14.52 25.62
C THR B 257 -3.43 14.45 26.86
N LYS B 258 -4.20 15.51 27.06
CA LYS B 258 -5.30 15.48 28.02
C LYS B 258 -6.35 14.58 27.41
N LYS B 259 -6.59 14.84 26.14
CA LYS B 259 -7.68 14.24 25.41
C LYS B 259 -7.12 13.25 24.40
N THR B 260 -7.44 11.98 24.55
CA THR B 260 -6.87 11.01 23.61
C THR B 260 -7.26 11.27 22.15
N ILE B 261 -6.27 11.24 21.29
CA ILE B 261 -6.47 11.29 19.87
C ILE B 261 -6.39 9.85 19.39
N PRO B 262 -7.52 9.29 18.95
CA PRO B 262 -7.47 7.95 18.42
C PRO B 262 -6.61 7.89 17.14
N VAL B 263 -5.85 6.80 17.01
CA VAL B 263 -5.11 6.47 15.76
C VAL B 263 -5.45 5.04 15.44
N ASP B 264 -5.88 4.80 14.22
CA ASP B 264 -6.23 3.45 13.85
C ASP B 264 -6.02 3.30 12.36
N GLY B 265 -6.13 2.07 11.90
CA GLY B 265 -6.06 1.72 10.52
C GLY B 265 -5.38 0.36 10.41
N ILE B 266 -4.75 0.12 9.26
CA ILE B 266 -4.07 -1.11 9.05
C ILE B 266 -2.61 -0.92 8.63
N CYS B 267 -1.77 -1.81 9.14
CA CYS B 267 -0.36 -1.84 8.80
C CYS B 267 -0.03 -2.99 7.80
N VAL B 268 0.59 -2.65 6.68
CA VAL B 268 0.80 -3.58 5.58
C VAL B 268 2.25 -3.55 5.13
N ARG B 269 2.84 -4.73 5.03
CA ARG B 269 4.16 -4.87 4.53
C ARG B 269 4.10 -4.91 3.02
N VAL B 270 4.98 -4.12 2.39
CA VAL B 270 5.07 -4.03 0.89
C VAL B 270 6.52 -4.18 0.44
N PRO B 271 6.77 -4.43 -0.87
CA PRO B 271 8.10 -4.70 -1.36
C PRO B 271 8.88 -3.42 -1.60
N SER B 272 8.98 -2.60 -0.56
CA SER B 272 9.88 -1.48 -0.53
C SER B 272 11.05 -1.82 0.37
N LEU B 273 12.12 -1.08 0.25
CA LEU B 273 13.30 -1.35 1.01
C LEU B 273 13.48 -0.55 2.30
N ARG B 274 13.42 0.79 2.29
CA ARG B 274 13.67 1.54 3.53
C ARG B 274 12.77 2.73 3.84
N SER B 275 11.81 3.00 2.98
CA SER B 275 10.92 4.08 3.23
C SER B 275 9.48 3.63 3.52
N HIS B 276 8.90 4.11 4.63
CA HIS B 276 7.50 3.80 4.96
C HIS B 276 6.64 4.85 4.35
N SER B 277 5.60 4.39 3.67
CA SER B 277 4.62 5.29 3.14
C SER B 277 3.29 5.11 3.90
N GLN B 278 2.48 6.13 3.85
CA GLN B 278 1.25 6.21 4.65
C GLN B 278 0.25 7.10 3.97
N ALA B 279 -0.93 6.55 3.71
CA ALA B 279 -2.12 7.30 3.40
C ALA B 279 -2.91 7.67 4.66
N LEU B 280 -3.08 8.96 4.89
CA LEU B 280 -3.65 9.46 6.09
C LEU B 280 -4.99 10.03 5.76
N THR B 281 -5.95 9.74 6.63
CA THR B 281 -7.25 10.40 6.60
C THR B 281 -7.44 10.99 7.97
N VAL B 282 -7.44 12.30 8.02
CA VAL B 282 -7.33 13.03 9.30
C VAL B 282 -8.60 13.82 9.51
N LYS B 283 -9.24 13.61 10.67
CA LYS B 283 -10.42 14.40 11.05
C LYS B 283 -9.92 15.52 11.94
N LEU B 284 -10.30 16.75 11.60
CA LEU B 284 -9.87 17.93 12.36
C LEU B 284 -10.86 18.32 13.44
N ARG B 285 -10.42 19.12 14.41
CA ARG B 285 -11.34 19.63 15.42
C ARG B 285 -12.14 20.83 14.90
N GLN B 286 -11.65 21.45 13.83
CA GLN B 286 -12.24 22.64 13.23
C GLN B 286 -12.15 22.50 11.75
N LYS B 287 -13.13 23.04 11.04
CA LYS B 287 -13.06 23.08 9.60
C LYS B 287 -12.03 24.11 9.16
N LEU B 288 -11.17 23.72 8.24
CA LEU B 288 -10.09 24.52 7.76
C LEU B 288 -10.06 24.42 6.24
N THR B 289 -9.78 25.51 5.57
CA THR B 289 -9.62 25.42 4.13
C THR B 289 -8.38 24.55 3.80
N ILE B 290 -8.30 24.12 2.58
CA ILE B 290 -7.23 23.23 2.22
C ILE B 290 -5.91 23.98 2.21
N GLU B 291 -5.93 25.27 1.92
CA GLU B 291 -4.74 26.13 2.01
C GLU B 291 -4.24 26.39 3.42
N GLU B 292 -5.14 26.42 4.38
CA GLU B 292 -4.74 26.61 5.75
C GLU B 292 -4.05 25.34 6.23
N ILE B 293 -4.58 24.19 5.80
CA ILE B 293 -4.05 22.88 6.17
C ILE B 293 -2.61 22.74 5.62
N LYS B 294 -2.38 23.08 4.35
CA LYS B 294 -1.03 22.98 3.77
C LYS B 294 -0.10 23.90 4.52
N GLN B 295 -0.58 25.11 4.79
CA GLN B 295 0.24 26.10 5.47
C GLN B 295 0.76 25.52 6.78
N LYS B 296 -0.17 25.17 7.66
CA LYS B 296 0.15 24.55 8.96
C LYS B 296 1.10 23.36 8.77
N ILE B 297 0.77 22.45 7.86
CA ILE B 297 1.59 21.27 7.65
C ILE B 297 3.06 21.70 7.35
N SER B 298 3.16 22.66 6.46
CA SER B 298 4.42 23.15 5.92
C SER B 298 5.25 23.81 6.99
N GLN B 299 4.64 24.25 8.07
CA GLN B 299 5.39 24.84 9.20
C GLN B 299 5.56 23.92 10.45
N GLY B 300 5.33 22.63 10.30
CA GLY B 300 5.51 21.73 11.42
C GLY B 300 6.94 21.55 11.88
N ASN B 301 7.89 21.56 10.92
CA ASN B 301 9.32 21.52 11.21
C ASN B 301 10.12 21.65 9.93
N GLU B 302 11.42 21.67 10.06
CA GLU B 302 12.28 21.85 8.87
C GLU B 302 12.28 20.66 7.93
N TRP B 303 11.94 19.46 8.41
CA TRP B 303 11.97 18.24 7.58
C TRP B 303 10.75 18.03 6.72
N VAL B 304 9.60 18.56 7.15
CA VAL B 304 8.35 18.42 6.41
C VAL B 304 8.56 19.01 5.01
N LYS B 305 8.24 18.23 3.98
CA LYS B 305 8.46 18.67 2.61
C LYS B 305 7.18 18.48 1.84
N VAL B 306 6.53 19.59 1.52
CA VAL B 306 5.26 19.46 0.84
C VAL B 306 5.46 19.24 -0.65
N ILE B 307 4.69 18.33 -1.18
CA ILE B 307 4.78 17.95 -2.56
C ILE B 307 3.46 18.33 -3.18
N ASP B 308 3.54 19.22 -4.16
CA ASP B 308 2.37 19.79 -4.79
C ASP B 308 1.56 18.72 -5.47
N ASN B 309 0.24 18.88 -5.38
CA ASN B 309 -0.69 17.82 -5.76
C ASN B 309 -0.88 17.79 -7.25
N ASN B 310 0.15 17.34 -7.96
CA ASN B 310 0.04 17.10 -9.37
C ASN B 310 0.92 15.90 -9.72
N LYS B 311 0.66 15.33 -10.87
CA LYS B 311 1.21 14.07 -11.27
C LYS B 311 2.75 14.04 -11.38
N GLU B 312 3.29 14.93 -12.19
CA GLU B 312 4.72 14.91 -12.38
C GLU B 312 5.44 14.95 -11.03
N ASP B 313 5.02 15.85 -10.15
CA ASP B 313 5.72 16.08 -8.89
C ASP B 313 5.47 14.93 -7.88
N THR B 314 4.28 14.35 -7.95
CA THR B 314 3.90 13.29 -7.06
C THR B 314 4.69 12.06 -7.37
N LEU B 315 4.69 11.69 -8.63
CA LEU B 315 5.44 10.49 -9.04
C LEU B 315 6.92 10.68 -8.85
N LYS B 316 7.42 11.88 -9.03
CA LYS B 316 8.86 12.06 -8.84
C LYS B 316 9.33 12.17 -7.39
N TYR B 317 8.58 12.89 -6.57
CA TYR B 317 9.03 13.15 -5.17
C TYR B 317 8.28 12.45 -4.04
N LEU B 318 7.01 12.04 -4.23
CA LEU B 318 6.24 11.43 -3.09
C LEU B 318 6.36 9.90 -3.08
N THR B 319 7.58 9.39 -3.10
CA THR B 319 7.83 7.99 -3.30
C THR B 319 9.05 7.52 -2.54
N PRO B 320 9.11 6.21 -2.26
CA PRO B 320 10.23 5.59 -1.58
C PRO B 320 11.54 5.79 -2.34
N GLN B 321 11.46 5.65 -3.66
CA GLN B 321 12.57 5.91 -4.52
C GLN B 321 13.12 7.28 -4.21
N ALA B 322 12.23 8.26 -4.18
CA ALA B 322 12.70 9.62 -4.03
C ALA B 322 13.27 9.90 -2.65
N ASN B 323 12.69 9.27 -1.66
N ASN B 323 12.68 9.35 -1.61
CA ASN B 323 12.86 9.67 -0.27
CA ASN B 323 12.99 9.81 -0.24
C ASN B 323 13.89 8.88 0.52
C ASN B 323 13.90 8.88 0.59
N SER B 324 14.08 7.63 0.15
CA SER B 324 15.01 6.76 0.83
C SER B 324 16.45 7.35 0.90
N GLY B 325 17.10 7.20 2.04
CA GLY B 325 18.34 7.88 2.28
C GLY B 325 18.27 9.29 2.82
N THR B 326 17.10 9.94 2.79
CA THR B 326 17.02 11.35 3.15
C THR B 326 16.29 11.58 4.42
N LEU B 327 16.46 12.78 4.98
CA LEU B 327 15.71 13.19 6.16
C LEU B 327 14.38 13.85 5.81
N ASP B 328 14.05 13.91 4.52
CA ASP B 328 12.81 14.57 4.14
C ASP B 328 11.62 13.69 4.62
N ILE B 329 10.64 14.36 5.18
CA ILE B 329 9.33 13.81 5.47
C ILE B 329 8.47 14.34 4.32
N ALA B 330 8.35 13.58 3.26
CA ALA B 330 7.54 14.05 2.14
C ALA B 330 6.03 13.83 2.44
N ILE B 331 5.22 14.77 2.00
CA ILE B 331 3.78 14.69 2.26
C ILE B 331 3.03 15.41 1.20
N GLY B 332 2.09 14.72 0.59
CA GLY B 332 1.43 15.25 -0.59
C GLY B 332 0.05 14.70 -0.78
N ARG B 333 -0.53 14.96 -1.94
CA ARG B 333 -1.85 14.54 -2.26
C ARG B 333 -2.81 15.14 -1.21
N ILE B 334 -2.45 16.31 -0.70
CA ILE B 334 -3.20 16.96 0.33
C ILE B 334 -4.50 17.50 -0.25
N LYS B 335 -5.61 16.95 0.16
CA LYS B 335 -6.87 17.34 -0.42
C LYS B 335 -7.98 17.22 0.60
N SER B 336 -9.04 17.93 0.31
CA SER B 336 -10.26 17.86 1.13
C SER B 336 -10.98 16.59 0.76
N SER B 337 -11.93 16.22 1.56
CA SER B 337 -12.55 14.91 1.54
C SER B 337 -14.08 15.06 1.38
N LEU B 338 -14.67 14.09 0.70
CA LEU B 338 -16.08 13.92 0.53
C LEU B 338 -16.77 13.34 1.76
N LEU B 339 -15.99 12.83 2.68
CA LEU B 339 -16.53 12.12 3.82
C LEU B 339 -17.17 13.05 4.79
N ALA B 340 -16.50 14.16 5.04
CA ALA B 340 -16.97 15.16 5.98
C ALA B 340 -16.25 16.48 5.71
N ASP B 341 -16.93 17.59 6.01
CA ASP B 341 -16.34 18.92 5.84
C ASP B 341 -15.07 19.15 6.66
N ASP B 342 -14.86 18.34 7.71
CA ASP B 342 -13.68 18.46 8.57
C ASP B 342 -12.57 17.40 8.33
N ILE B 343 -12.71 16.57 7.32
CA ILE B 343 -11.73 15.51 7.09
C ILE B 343 -10.89 15.90 5.91
N PHE B 344 -9.59 15.74 6.01
CA PHE B 344 -8.72 15.83 4.80
C PHE B 344 -7.91 14.57 4.62
N HIS B 345 -7.44 14.39 3.40
CA HIS B 345 -6.54 13.27 3.04
C HIS B 345 -5.19 13.79 2.62
N CYS B 346 -4.16 12.97 2.85
CA CYS B 346 -2.83 13.23 2.35
C CYS B 346 -2.12 11.90 2.35
N PHE B 347 -0.95 11.88 1.72
CA PHE B 347 -0.06 10.71 1.62
C PHE B 347 1.34 11.16 1.97
N THR B 348 2.03 10.43 2.81
CA THR B 348 3.37 10.78 3.24
C THR B 348 4.34 9.64 3.13
N VAL B 349 5.60 10.00 3.00
CA VAL B 349 6.66 9.04 2.86
C VAL B 349 7.88 9.55 3.64
N GLY B 350 8.51 8.65 4.42
CA GLY B 350 9.77 8.95 5.08
C GLY B 350 10.60 7.73 5.33
N ASP B 351 11.86 7.93 5.70
CA ASP B 351 12.86 6.87 5.74
C ASP B 351 12.84 6.14 7.06
N GLN B 352 12.61 4.84 7.02
CA GLN B 352 12.44 4.06 8.23
C GLN B 352 13.63 4.10 9.14
N LEU B 353 14.82 4.01 8.55
CA LEU B 353 16.07 3.90 9.28
C LEU B 353 16.50 5.18 9.96
N LEU B 354 16.15 6.31 9.40
CA LEU B 354 16.60 7.59 9.92
C LEU B 354 15.54 8.18 10.88
N TRP B 355 14.61 8.93 10.36
CA TRP B 355 13.58 9.51 11.26
C TRP B 355 12.77 8.41 11.95
N GLY B 356 12.55 7.33 11.23
CA GLY B 356 11.92 6.14 11.79
C GLY B 356 12.68 5.44 12.89
N ALA B 357 14.01 5.48 12.87
CA ALA B 357 14.74 4.71 13.89
C ALA B 357 15.91 5.45 14.51
N ALA B 358 16.94 5.72 13.70
CA ALA B 358 18.20 6.29 14.16
C ALA B 358 18.16 7.72 14.63
N GLU B 359 17.51 8.61 13.87
CA GLU B 359 17.68 10.05 14.06
C GLU B 359 17.21 10.55 15.43
N PRO B 360 16.05 10.05 15.90
CA PRO B 360 15.57 10.55 17.18
C PRO B 360 16.51 10.22 18.32
N LEU B 361 17.15 9.07 18.20
CA LEU B 361 18.04 8.58 19.23
C LEU B 361 19.24 9.48 19.33
N ARG B 362 19.92 9.66 18.19
CA ARG B 362 21.02 10.61 18.02
C ARG B 362 20.70 11.96 18.61
N ARG B 363 19.51 12.45 18.36
CA ARG B 363 19.17 13.79 18.80
C ARG B 363 18.91 13.90 20.32
N VAL B 364 18.41 12.85 20.93
CA VAL B 364 18.18 12.87 22.37
C VAL B 364 19.50 12.68 23.11
N LEU B 365 20.38 11.89 22.53
CA LEU B 365 21.76 11.80 23.03
C LEU B 365 22.36 13.18 23.20
N ASN B 366 22.16 14.04 22.19
CA ASN B 366 22.66 15.40 22.22
C ASN B 366 22.08 16.28 23.28
N ILE B 367 20.80 16.07 23.58
CA ILE B 367 20.11 16.81 24.63
C ILE B 367 20.64 16.37 25.99
N ILE B 368 20.86 15.09 26.16
CA ILE B 368 21.47 14.58 27.37
C ILE B 368 22.95 15.02 27.54
N LYS B 369 23.74 15.01 26.48
CA LYS B 369 25.15 15.37 26.70
C LYS B 369 25.31 16.86 26.97
N ILE B 370 24.30 17.67 26.65
CA ILE B 370 24.36 19.11 26.83
C ILE B 370 24.01 19.42 28.27
#